data_9DWU
#
_entry.id   9DWU
#
_cell.length_a   1.00
_cell.length_b   1.00
_cell.length_c   1.00
_cell.angle_alpha   90.00
_cell.angle_beta   90.00
_cell.angle_gamma   90.00
#
_symmetry.space_group_name_H-M   'P 1'
#
loop_
_entity.id
_entity.type
_entity.pdbx_description
1 polymer 'Lysine-specific histone demethylase 1A'
2 polymer 'REST corepressor 1'
3 polymer 'Splicing factor U2AF 65 kDa subunit'
#
loop_
_entity_poly.entity_id
_entity_poly.type
_entity_poly.pdbx_seq_one_letter_code
_entity_poly.pdbx_strand_id
1 'polypeptide(L)'
;PSGVEGAAFQSRLPHDRMTSQEAACFPDIISGPQQTQKVFLFIRNRTLQLWLDNPKIQLTFEATLQQLEAPYNSDTVLVH
RVHSYLERHGLINFGIYKRIKPLPTKKTGKVIIIGSGVSGLAAARQLQSFGMDVTLLEARDRVGGRVATFRKGNYVADLG
AMVVTGLGGNPMAVVSKQVNMELAKIKQKCPLYEANGQAVPKEKDEMVEQEFNRLLEATSYLSHQLDFNVLNNKPVSLGQ
ALEVVIQLQEKHVKDEQIEHWKKIVKTQEELKELLNKMVNLKEKIKELHQQYKEASEVKPPRDITAEFLVKSKHRDLTAL
CKEYDELAETQGKLEEKLQELEANPPSDVYLSSRDRQILDWHFANLEFANATPLSTLSLKHWDQDDDFEFTGSHLTVRNG
YSCVPVALAEGLDIKLNTAVRQVRYTASGCEVIAVNTRSTSQTFIYKCDAVLCTLPLGVLKQQPPAVQFVPPLPEWKTSA
VQRMGFGNLNKVVLCFDRVFWDPSVNLFGHVGSTTASRGELFLFWNLYKAPILLALVAGEAAGIMENISDDVIVGRCLAI
LKGIFGSSAVPQPKETVVSRWRADPWARGSYSYVAAGSSGNDYDLMAQPITPGPSIPGAPQPIPRLFFAGEHTIRNYPAT
VHGALLSGLREAGRIADQFLGAMYTL
;
A
2 'polypeptide(L)' RKPPKGMFLSQEDVEAVSANATAATTVLRQLDMELVSVKRQIQNIKQTNSALKEKLDGGIEPYRLPEVI B
3 'polypeptide(L)' SAHKLFIGGLPNYLNDDQVKELLTSFGPLKAFNLVKDSATGLSKGYAFCEYVDINVTDQAIAGLNGMQLGDKKLLVQRAS C
#
# COMPACT_ATOMS: atom_id res chain seq x y z
N PRO A 1 12.20 -12.28 -16.00
CA PRO A 1 11.95 -13.69 -16.32
C PRO A 1 11.59 -13.94 -17.81
N SER A 2 12.42 -14.72 -18.51
CA SER A 2 12.20 -15.03 -19.95
C SER A 2 12.12 -16.56 -20.29
N GLY A 3 11.89 -16.86 -21.57
CA GLY A 3 11.79 -18.24 -22.06
C GLY A 3 10.54 -18.94 -21.55
N VAL A 4 10.67 -20.21 -21.17
CA VAL A 4 9.55 -20.97 -20.65
C VAL A 4 9.23 -20.55 -19.22
N GLU A 5 10.23 -20.04 -18.52
CA GLU A 5 10.06 -19.58 -17.14
C GLU A 5 9.25 -18.28 -17.13
N GLY A 6 9.44 -17.46 -18.17
CA GLY A 6 8.72 -16.20 -18.34
C GLY A 6 7.24 -16.49 -18.51
N ALA A 7 6.94 -17.56 -19.25
CA ALA A 7 5.57 -17.96 -19.50
C ALA A 7 4.85 -18.33 -18.21
N ALA A 8 5.52 -19.04 -17.32
CA ALA A 8 4.92 -19.43 -16.05
C ALA A 8 4.62 -18.16 -15.25
N PHE A 9 5.64 -17.31 -15.11
CA PHE A 9 5.51 -16.07 -14.39
C PHE A 9 4.36 -15.22 -14.94
N GLN A 10 4.24 -15.16 -16.26
CA GLN A 10 3.20 -14.38 -16.90
C GLN A 10 1.81 -15.01 -16.69
N SER A 11 1.79 -16.29 -16.31
CA SER A 11 0.53 -16.99 -16.05
C SER A 11 0.27 -17.15 -14.53
N ARG A 12 1.09 -16.50 -13.70
CA ARG A 12 0.99 -16.57 -12.24
C ARG A 12 1.19 -17.97 -11.68
N LEU A 13 2.13 -18.70 -12.29
CA LEU A 13 2.43 -20.06 -11.87
C LEU A 13 3.88 -20.17 -11.45
N PRO A 14 4.18 -21.03 -10.47
CA PRO A 14 5.59 -21.32 -10.15
C PRO A 14 6.14 -22.21 -11.27
N HIS A 15 7.25 -21.81 -11.89
CA HIS A 15 7.83 -22.57 -13.01
C HIS A 15 8.38 -23.94 -12.70
N ASP A 16 8.88 -24.12 -11.48
CA ASP A 16 9.54 -25.37 -11.07
C ASP A 16 8.75 -26.22 -10.10
N ARG A 17 7.46 -25.96 -10.02
CA ARG A 17 6.61 -26.66 -9.07
C ARG A 17 5.19 -26.76 -9.59
N MET A 18 4.53 -27.86 -9.26
CA MET A 18 3.14 -28.10 -9.67
C MET A 18 2.22 -27.47 -8.64
N THR A 19 1.15 -26.83 -9.10
CA THR A 19 0.20 -26.21 -8.19
C THR A 19 -0.81 -27.22 -7.66
N SER A 20 -1.57 -26.79 -6.67
CA SER A 20 -2.61 -27.57 -6.03
C SER A 20 -3.66 -27.99 -7.06
N GLN A 21 -4.00 -27.08 -7.97
CA GLN A 21 -4.96 -27.33 -9.03
C GLN A 21 -4.39 -28.41 -9.97
N GLU A 22 -3.11 -28.28 -10.30
CA GLU A 22 -2.45 -29.24 -11.16
C GLU A 22 -2.38 -30.61 -10.46
N ALA A 23 -2.23 -30.61 -9.14
CA ALA A 23 -2.17 -31.87 -8.40
C ALA A 23 -3.48 -32.62 -8.55
N ALA A 24 -4.58 -31.88 -8.41
CA ALA A 24 -5.92 -32.44 -8.52
C ALA A 24 -6.22 -33.09 -9.87
N CYS A 25 -5.66 -32.55 -10.95
CA CYS A 25 -5.90 -33.08 -12.28
C CYS A 25 -4.83 -34.07 -12.73
N PHE A 26 -3.67 -34.00 -12.11
CA PHE A 26 -2.58 -34.88 -12.45
C PHE A 26 -2.04 -35.54 -11.18
N PRO A 27 -2.92 -36.25 -10.44
CA PRO A 27 -2.51 -36.92 -9.22
C PRO A 27 -1.46 -37.98 -9.50
N ASP A 28 -1.55 -38.59 -10.68
CA ASP A 28 -0.60 -39.62 -11.10
C ASP A 28 0.80 -39.05 -11.21
N ILE A 29 0.88 -37.82 -11.72
CA ILE A 29 2.14 -37.15 -11.90
C ILE A 29 2.76 -36.59 -10.63
N ILE A 30 2.00 -35.79 -9.88
CA ILE A 30 2.55 -35.23 -8.65
C ILE A 30 2.97 -36.30 -7.61
N SER A 31 2.38 -37.48 -7.65
CA SER A 31 2.76 -38.52 -6.71
C SER A 31 3.83 -39.45 -7.26
N GLY A 32 4.23 -39.23 -8.52
CA GLY A 32 5.24 -40.05 -9.18
C GLY A 32 6.65 -39.49 -9.10
N PRO A 33 7.60 -40.13 -9.79
CA PRO A 33 9.01 -39.67 -9.84
C PRO A 33 9.23 -38.20 -10.23
N GLN A 34 10.24 -37.57 -9.64
CA GLN A 34 10.59 -36.18 -9.91
C GLN A 34 10.77 -35.87 -11.39
N GLN A 35 11.42 -36.79 -12.11
CA GLN A 35 11.67 -36.65 -13.54
C GLN A 35 10.39 -36.41 -14.35
N THR A 36 9.35 -37.19 -14.07
CA THR A 36 8.08 -37.04 -14.78
C THR A 36 7.45 -35.69 -14.49
N GLN A 37 7.57 -35.25 -13.24
CA GLN A 37 7.04 -33.95 -12.84
C GLN A 37 7.74 -32.86 -13.67
N LYS A 38 9.05 -33.00 -13.85
CA LYS A 38 9.81 -32.04 -14.65
C LYS A 38 9.35 -32.06 -16.11
N VAL A 39 8.98 -33.23 -16.63
CA VAL A 39 8.50 -33.32 -18.01
C VAL A 39 7.17 -32.57 -18.11
N PHE A 40 6.29 -32.79 -17.13
CA PHE A 40 5.01 -32.13 -17.12
C PHE A 40 5.18 -30.61 -17.07
N LEU A 41 6.01 -30.16 -16.13
CA LEU A 41 6.22 -28.72 -15.99
C LEU A 41 6.73 -28.08 -17.27
N PHE A 42 7.61 -28.76 -17.98
CA PHE A 42 8.15 -28.21 -19.22
C PHE A 42 7.06 -28.11 -20.28
N ILE A 43 6.25 -29.15 -20.38
CA ILE A 43 5.16 -29.17 -21.34
C ILE A 43 4.20 -28.04 -21.01
N ARG A 44 3.89 -27.90 -19.72
CA ARG A 44 2.99 -26.85 -19.29
C ARG A 44 3.55 -25.45 -19.59
N ASN A 45 4.79 -25.21 -19.18
CA ASN A 45 5.42 -23.92 -19.42
C ASN A 45 5.53 -23.60 -20.91
N ARG A 46 5.92 -24.60 -21.70
CA ARG A 46 6.06 -24.41 -23.13
C ARG A 46 4.73 -24.12 -23.81
N THR A 47 3.68 -24.84 -23.42
CA THR A 47 2.36 -24.63 -24.00
C THR A 47 1.91 -23.19 -23.70
N LEU A 48 2.22 -22.73 -22.49
CA LEU A 48 1.89 -21.38 -22.10
C LEU A 48 2.71 -20.40 -22.94
N GLN A 49 3.96 -20.75 -23.22
CA GLN A 49 4.79 -19.86 -24.01
C GLN A 49 4.23 -19.67 -25.41
N LEU A 50 3.81 -20.77 -26.04
CA LEU A 50 3.27 -20.69 -27.40
C LEU A 50 2.04 -19.80 -27.45
N TRP A 51 1.19 -19.91 -26.45
CA TRP A 51 -0.02 -19.10 -26.39
C TRP A 51 0.33 -17.63 -26.18
N LEU A 52 1.17 -17.36 -25.18
CA LEU A 52 1.56 -15.99 -24.87
C LEU A 52 2.29 -15.30 -26.01
N ASP A 53 3.06 -16.06 -26.79
CA ASP A 53 3.80 -15.50 -27.93
C ASP A 53 2.87 -14.96 -29.02
N ASN A 54 1.67 -15.54 -29.11
CA ASN A 54 0.70 -15.13 -30.10
C ASN A 54 -0.73 -15.39 -29.61
N PRO A 55 -1.23 -14.51 -28.75
CA PRO A 55 -2.56 -14.69 -28.17
C PRO A 55 -3.70 -14.29 -29.12
N LYS A 56 -3.37 -13.89 -30.35
CA LYS A 56 -4.39 -13.49 -31.32
C LYS A 56 -5.00 -14.68 -32.10
N ILE A 57 -4.42 -15.87 -31.95
CA ILE A 57 -4.94 -17.07 -32.60
C ILE A 57 -5.08 -18.22 -31.60
N GLN A 58 -6.04 -19.09 -31.86
CA GLN A 58 -6.29 -20.25 -31.02
C GLN A 58 -5.12 -21.22 -31.06
N LEU A 59 -4.62 -21.60 -29.89
CA LEU A 59 -3.53 -22.56 -29.80
C LEU A 59 -4.17 -23.96 -29.69
N THR A 60 -4.05 -24.75 -30.75
CA THR A 60 -4.63 -26.10 -30.76
C THR A 60 -3.65 -27.16 -30.31
N PHE A 61 -4.18 -28.32 -29.93
CA PHE A 61 -3.37 -29.45 -29.49
C PHE A 61 -2.38 -29.82 -30.61
N GLU A 62 -2.88 -29.92 -31.84
CA GLU A 62 -2.04 -30.24 -32.99
C GLU A 62 -0.90 -29.25 -33.12
N ALA A 63 -1.23 -27.96 -33.06
CA ALA A 63 -0.24 -26.89 -33.18
C ALA A 63 0.84 -27.03 -32.11
N THR A 64 0.41 -27.34 -30.89
CA THR A 64 1.29 -27.51 -29.74
C THR A 64 2.29 -28.66 -29.97
N LEU A 65 1.75 -29.85 -30.25
CA LEU A 65 2.56 -31.03 -30.48
C LEU A 65 3.63 -30.82 -31.55
N GLN A 66 3.26 -30.13 -32.63
CA GLN A 66 4.18 -29.86 -33.73
C GLN A 66 5.34 -28.96 -33.32
N GLN A 67 5.08 -28.00 -32.43
CA GLN A 67 6.12 -27.07 -31.98
C GLN A 67 6.98 -27.56 -30.81
N LEU A 68 6.71 -28.75 -30.31
CA LEU A 68 7.50 -29.33 -29.23
C LEU A 68 8.58 -30.21 -29.86
N GLU A 69 9.73 -30.28 -29.20
CA GLU A 69 10.84 -31.09 -29.70
C GLU A 69 10.99 -32.36 -28.86
N ALA A 70 11.80 -33.30 -29.35
CA ALA A 70 12.05 -34.55 -28.64
C ALA A 70 12.77 -34.23 -27.31
N PRO A 71 12.54 -35.03 -26.26
CA PRO A 71 11.66 -36.20 -26.19
C PRO A 71 10.25 -35.85 -25.72
N TYR A 72 9.98 -34.58 -25.47
CA TYR A 72 8.68 -34.12 -24.99
C TYR A 72 7.53 -34.40 -25.95
N ASN A 73 7.78 -34.26 -27.25
CA ASN A 73 6.74 -34.51 -28.25
C ASN A 73 6.46 -35.98 -28.52
N SER A 74 6.97 -36.86 -27.66
CA SER A 74 6.77 -38.31 -27.80
C SER A 74 5.57 -38.82 -27.00
N ASP A 75 5.34 -38.23 -25.82
CA ASP A 75 4.20 -38.63 -24.99
C ASP A 75 3.02 -37.75 -25.39
N THR A 76 2.31 -38.18 -26.42
CA THR A 76 1.16 -37.44 -26.96
C THR A 76 -0.03 -37.31 -26.00
N VAL A 77 -0.28 -38.33 -25.16
CA VAL A 77 -1.42 -38.24 -24.23
C VAL A 77 -1.15 -37.21 -23.16
N LEU A 78 0.09 -37.20 -22.65
CA LEU A 78 0.47 -36.23 -21.62
C LEU A 78 0.36 -34.82 -22.17
N VAL A 79 0.79 -34.62 -23.41
CA VAL A 79 0.71 -33.30 -24.05
C VAL A 79 -0.75 -32.89 -24.18
N HIS A 80 -1.57 -33.79 -24.73
CA HIS A 80 -2.99 -33.54 -24.90
C HIS A 80 -3.66 -33.25 -23.55
N ARG A 81 -3.27 -33.98 -22.52
CA ARG A 81 -3.84 -33.78 -21.19
C ARG A 81 -3.53 -32.37 -20.70
N VAL A 82 -2.26 -31.99 -20.79
CA VAL A 82 -1.83 -30.67 -20.36
C VAL A 82 -2.56 -29.61 -21.14
N HIS A 83 -2.63 -29.78 -22.47
CA HIS A 83 -3.30 -28.81 -23.30
C HIS A 83 -4.77 -28.61 -22.90
N SER A 84 -5.52 -29.70 -22.78
CA SER A 84 -6.92 -29.59 -22.40
C SER A 84 -7.09 -28.96 -21.04
N TYR A 85 -6.17 -29.29 -20.15
CA TYR A 85 -6.18 -28.75 -18.81
C TYR A 85 -6.05 -27.23 -18.83
N LEU A 86 -5.05 -26.74 -19.56
CA LEU A 86 -4.81 -25.29 -19.64
C LEU A 86 -5.98 -24.59 -20.33
N GLU A 87 -6.45 -25.20 -21.39
CA GLU A 87 -7.55 -24.65 -22.15
C GLU A 87 -8.80 -24.54 -21.27
N ARG A 88 -9.09 -25.62 -20.56
CA ARG A 88 -10.25 -25.71 -19.69
C ARG A 88 -10.22 -24.69 -18.58
N HIS A 89 -9.04 -24.45 -18.02
CA HIS A 89 -8.91 -23.50 -16.93
C HIS A 89 -8.66 -22.06 -17.38
N GLY A 90 -8.74 -21.83 -18.68
CA GLY A 90 -8.55 -20.49 -19.23
C GLY A 90 -7.15 -19.92 -19.23
N LEU A 91 -6.15 -20.76 -19.05
CA LEU A 91 -4.74 -20.29 -19.07
C LEU A 91 -4.26 -20.07 -20.50
N ILE A 92 -4.93 -20.70 -21.46
CA ILE A 92 -4.62 -20.52 -22.88
C ILE A 92 -5.99 -20.39 -23.56
N ASN A 93 -6.02 -19.82 -24.74
CA ASN A 93 -7.26 -19.67 -25.49
C ASN A 93 -8.40 -18.95 -24.78
N PHE A 94 -8.06 -17.85 -24.10
CA PHE A 94 -9.04 -17.02 -23.42
C PHE A 94 -9.02 -15.64 -24.07
N GLY A 95 -10.11 -14.89 -23.93
CA GLY A 95 -10.23 -13.56 -24.49
C GLY A 95 -10.81 -13.58 -25.88
N ILE A 96 -10.21 -12.81 -26.79
CA ILE A 96 -10.66 -12.71 -28.18
C ILE A 96 -9.53 -13.09 -29.10
N TYR A 97 -9.72 -14.18 -29.83
CA TYR A 97 -8.71 -14.66 -30.76
C TYR A 97 -9.39 -15.29 -31.95
N LYS A 98 -8.66 -15.43 -33.06
CA LYS A 98 -9.23 -16.06 -34.25
C LYS A 98 -9.32 -17.54 -33.96
N ARG A 99 -10.49 -18.10 -34.18
CA ARG A 99 -10.74 -19.51 -33.92
C ARG A 99 -10.31 -20.35 -35.11
N ILE A 100 -9.53 -21.41 -34.85
CA ILE A 100 -9.09 -22.30 -35.93
C ILE A 100 -10.13 -23.41 -36.12
N LYS A 101 -10.44 -24.11 -35.02
CA LYS A 101 -11.43 -25.18 -35.03
C LYS A 101 -12.78 -24.51 -34.82
N PRO A 102 -13.72 -24.69 -35.77
CA PRO A 102 -15.02 -24.01 -35.63
C PRO A 102 -15.77 -24.46 -34.36
N LEU A 103 -16.75 -23.67 -33.92
CA LEU A 103 -17.53 -24.01 -32.73
C LEU A 103 -18.47 -25.15 -33.07
N PRO A 104 -18.63 -26.13 -32.14
CA PRO A 104 -19.58 -27.21 -32.42
C PRO A 104 -20.95 -26.62 -32.74
N THR A 105 -21.48 -27.00 -33.90
CA THR A 105 -22.79 -26.50 -34.37
C THR A 105 -23.94 -26.77 -33.38
N LYS A 106 -24.03 -28.00 -32.86
CA LYS A 106 -25.05 -28.34 -31.87
C LYS A 106 -24.38 -28.15 -30.51
N LYS A 107 -25.05 -27.44 -29.62
CA LYS A 107 -24.52 -27.14 -28.30
C LYS A 107 -24.90 -28.12 -27.21
N THR A 108 -24.19 -28.05 -26.08
CA THR A 108 -24.45 -28.93 -24.94
C THR A 108 -24.64 -28.12 -23.67
N GLY A 109 -25.79 -28.31 -23.03
CA GLY A 109 -26.10 -27.61 -21.79
C GLY A 109 -26.49 -26.15 -21.98
N LYS A 110 -27.27 -25.62 -21.05
CA LYS A 110 -27.72 -24.23 -21.09
C LYS A 110 -27.31 -23.51 -19.80
N VAL A 111 -26.67 -22.35 -19.93
CA VAL A 111 -26.23 -21.57 -18.78
C VAL A 111 -26.70 -20.12 -18.89
N ILE A 112 -27.27 -19.61 -17.81
CA ILE A 112 -27.71 -18.23 -17.77
C ILE A 112 -26.66 -17.50 -16.91
N ILE A 113 -26.17 -16.38 -17.41
CA ILE A 113 -25.18 -15.61 -16.67
C ILE A 113 -25.84 -14.31 -16.27
N ILE A 114 -25.83 -14.01 -14.98
CA ILE A 114 -26.42 -12.77 -14.51
C ILE A 114 -25.32 -11.73 -14.45
N GLY A 115 -25.46 -10.70 -15.26
CA GLY A 115 -24.50 -9.59 -15.30
C GLY A 115 -23.50 -9.71 -16.44
N SER A 116 -23.26 -8.61 -17.16
CA SER A 116 -22.30 -8.65 -18.26
C SER A 116 -21.16 -7.68 -18.06
N GLY A 117 -20.52 -7.78 -16.89
CA GLY A 117 -19.35 -6.99 -16.58
C GLY A 117 -18.24 -7.90 -17.06
N VAL A 118 -17.00 -7.57 -16.74
CA VAL A 118 -15.88 -8.38 -17.17
C VAL A 118 -15.94 -9.84 -16.70
N SER A 119 -16.36 -10.10 -15.48
CA SER A 119 -16.42 -11.49 -15.03
C SER A 119 -17.43 -12.29 -15.85
N GLY A 120 -18.61 -11.72 -16.06
CA GLY A 120 -19.65 -12.38 -16.82
C GLY A 120 -19.23 -12.63 -18.26
N LEU A 121 -18.68 -11.60 -18.89
CA LEU A 121 -18.25 -11.67 -20.29
C LEU A 121 -17.14 -12.69 -20.49
N ALA A 122 -16.15 -12.68 -19.61
CA ALA A 122 -15.06 -13.65 -19.71
C ALA A 122 -15.59 -15.09 -19.57
N ALA A 123 -16.52 -15.32 -18.64
CA ALA A 123 -17.07 -16.66 -18.45
C ALA A 123 -17.87 -17.11 -19.67
N ALA A 124 -18.63 -16.17 -20.24
CA ALA A 124 -19.45 -16.46 -21.40
C ALA A 124 -18.62 -16.87 -22.59
N ARG A 125 -17.53 -16.15 -22.86
CA ARG A 125 -16.68 -16.51 -24.00
C ARG A 125 -16.13 -17.91 -23.83
N GLN A 126 -15.71 -18.23 -22.61
CA GLN A 126 -15.19 -19.55 -22.32
C GLN A 126 -16.25 -20.63 -22.56
N LEU A 127 -17.41 -20.47 -21.91
CA LEU A 127 -18.50 -21.44 -22.06
C LEU A 127 -18.91 -21.62 -23.52
N GLN A 128 -18.96 -20.53 -24.27
CA GLN A 128 -19.32 -20.64 -25.66
C GLN A 128 -18.25 -21.49 -26.36
N SER A 129 -16.98 -21.22 -26.06
CA SER A 129 -15.86 -21.97 -26.63
C SER A 129 -15.91 -23.44 -26.33
N PHE A 130 -16.40 -23.77 -25.15
CA PHE A 130 -16.47 -25.15 -24.74
C PHE A 130 -17.67 -25.87 -25.36
N GLY A 131 -18.54 -25.13 -26.03
CA GLY A 131 -19.72 -25.69 -26.68
C GLY A 131 -21.05 -25.62 -25.95
N MET A 132 -21.16 -24.74 -24.96
CA MET A 132 -22.41 -24.60 -24.22
C MET A 132 -23.28 -23.48 -24.80
N ASP A 133 -24.57 -23.50 -24.47
CA ASP A 133 -25.54 -22.49 -24.89
C ASP A 133 -25.51 -21.44 -23.79
N VAL A 134 -25.14 -20.20 -24.10
CA VAL A 134 -25.04 -19.16 -23.07
C VAL A 134 -25.81 -17.89 -23.32
N THR A 135 -26.52 -17.42 -22.30
CA THR A 135 -27.25 -16.15 -22.39
C THR A 135 -26.89 -15.32 -21.16
N LEU A 136 -26.62 -14.03 -21.37
CA LEU A 136 -26.31 -13.11 -20.29
C LEU A 136 -27.48 -12.16 -20.13
N LEU A 137 -27.87 -11.94 -18.88
CA LEU A 137 -28.94 -11.03 -18.55
C LEU A 137 -28.27 -9.84 -17.89
N GLU A 138 -28.43 -8.67 -18.48
CA GLU A 138 -27.81 -7.44 -17.97
C GLU A 138 -28.87 -6.38 -17.75
N ALA A 139 -28.89 -5.83 -16.54
CA ALA A 139 -29.83 -4.80 -16.13
C ALA A 139 -29.65 -3.49 -16.89
N ARG A 140 -28.40 -3.03 -17.01
CA ARG A 140 -28.09 -1.79 -17.69
C ARG A 140 -28.37 -1.83 -19.20
N ASP A 141 -28.24 -0.67 -19.84
CA ASP A 141 -28.44 -0.53 -21.28
C ASP A 141 -27.08 -0.62 -22.00
N ARG A 142 -26.10 -1.23 -21.33
CA ARG A 142 -24.76 -1.38 -21.89
C ARG A 142 -24.08 -2.51 -21.20
N VAL A 143 -22.93 -2.93 -21.74
CA VAL A 143 -22.14 -4.01 -21.14
C VAL A 143 -21.02 -3.29 -20.38
N GLY A 144 -20.19 -4.05 -19.66
CA GLY A 144 -19.07 -3.50 -18.93
C GLY A 144 -19.20 -3.37 -17.44
N GLY A 145 -20.42 -3.16 -16.97
CA GLY A 145 -20.64 -3.00 -15.53
C GLY A 145 -19.79 -1.89 -14.92
N ARG A 146 -18.91 -2.29 -14.01
CA ARG A 146 -18.03 -1.31 -13.35
C ARG A 146 -16.90 -0.78 -14.24
N VAL A 147 -16.91 -1.18 -15.51
CA VAL A 147 -15.96 -0.64 -16.48
C VAL A 147 -16.92 0.21 -17.30
N ALA A 148 -16.91 1.50 -17.01
CA ALA A 148 -17.79 2.48 -17.63
C ALA A 148 -17.01 3.68 -18.12
N THR A 149 -17.15 3.97 -19.41
CA THR A 149 -16.43 5.08 -20.00
C THR A 149 -17.35 6.19 -20.50
N PHE A 150 -16.98 7.42 -20.20
CA PHE A 150 -17.74 8.56 -20.65
C PHE A 150 -17.20 8.91 -22.03
N ARG A 151 -18.09 9.07 -23.00
CA ARG A 151 -17.70 9.41 -24.37
C ARG A 151 -18.61 10.47 -24.93
N LYS A 152 -18.03 11.61 -25.27
CA LYS A 152 -18.80 12.68 -25.87
C LYS A 152 -17.83 13.51 -26.68
N GLY A 153 -18.04 13.52 -27.99
CA GLY A 153 -17.16 14.25 -28.89
C GLY A 153 -15.82 13.55 -28.86
N ASN A 154 -14.80 14.24 -28.40
CA ASN A 154 -13.47 13.67 -28.30
C ASN A 154 -13.12 13.41 -26.85
N TYR A 155 -14.02 13.81 -25.96
CA TYR A 155 -13.83 13.61 -24.55
C TYR A 155 -14.05 12.13 -24.25
N VAL A 156 -13.10 11.56 -23.50
CA VAL A 156 -13.14 10.17 -23.09
C VAL A 156 -12.63 10.16 -21.67
N ALA A 157 -13.41 9.59 -20.75
CA ALA A 157 -13.02 9.53 -19.33
C ALA A 157 -13.70 8.36 -18.62
N ASP A 158 -12.91 7.54 -17.94
CA ASP A 158 -13.45 6.40 -17.24
C ASP A 158 -14.08 6.78 -15.91
N LEU A 159 -15.30 6.32 -15.68
CA LEU A 159 -15.97 6.60 -14.43
C LEU A 159 -15.75 5.45 -13.46
N GLY A 160 -15.36 4.29 -13.99
CA GLY A 160 -15.08 3.10 -13.19
C GLY A 160 -13.60 2.77 -13.27
N ALA A 161 -13.29 1.51 -13.52
CA ALA A 161 -11.91 1.04 -13.64
C ALA A 161 -11.15 1.95 -14.59
N MET A 162 -9.90 2.25 -14.26
CA MET A 162 -9.13 3.13 -15.09
C MET A 162 -7.67 2.75 -15.23
N VAL A 163 -7.14 2.13 -14.18
CA VAL A 163 -5.72 1.76 -14.14
C VAL A 163 -5.41 0.28 -14.32
N VAL A 164 -4.37 -0.01 -15.09
CA VAL A 164 -3.89 -1.36 -15.31
C VAL A 164 -2.64 -1.31 -14.44
N THR A 165 -2.67 -2.07 -13.36
CA THR A 165 -1.60 -2.07 -12.36
C THR A 165 -0.38 -2.93 -12.65
N GLY A 166 0.27 -2.68 -13.79
CA GLY A 166 1.45 -3.45 -14.16
C GLY A 166 1.05 -4.61 -15.04
N LEU A 167 1.85 -4.87 -16.08
CA LEU A 167 1.47 -5.94 -17.05
C LEU A 167 2.16 -7.26 -16.66
N GLY A 168 3.01 -7.24 -15.65
CA GLY A 168 3.75 -8.46 -15.25
C GLY A 168 2.81 -9.49 -14.61
N GLY A 169 2.60 -10.61 -15.28
CA GLY A 169 1.70 -11.67 -14.77
C GLY A 169 0.24 -11.27 -14.89
N ASN A 170 -0.03 -10.06 -15.38
CA ASN A 170 -1.40 -9.61 -15.56
C ASN A 170 -2.05 -10.21 -16.82
N PRO A 171 -3.22 -10.90 -16.66
CA PRO A 171 -3.94 -11.42 -17.81
C PRO A 171 -4.41 -10.31 -18.75
N MET A 172 -4.49 -9.07 -18.26
CA MET A 172 -4.88 -7.94 -19.11
C MET A 172 -3.79 -7.67 -20.16
N ALA A 173 -2.60 -8.23 -19.96
CA ALA A 173 -1.52 -8.06 -20.92
C ALA A 173 -1.90 -8.80 -22.18
N VAL A 174 -2.49 -9.98 -22.02
CA VAL A 174 -2.93 -10.77 -23.16
C VAL A 174 -4.10 -10.03 -23.81
N VAL A 175 -5.06 -9.59 -23.00
CA VAL A 175 -6.23 -8.88 -23.51
C VAL A 175 -5.83 -7.64 -24.32
N SER A 176 -4.81 -6.92 -23.85
CA SER A 176 -4.36 -5.71 -24.53
C SER A 176 -3.73 -5.97 -25.91
N LYS A 177 -3.33 -7.20 -26.18
CA LYS A 177 -2.77 -7.54 -27.49
C LYS A 177 -3.91 -7.96 -28.39
N GLN A 178 -5.02 -8.41 -27.78
CA GLN A 178 -6.21 -8.82 -28.56
C GLN A 178 -7.16 -7.61 -28.66
N VAL A 179 -7.72 -7.17 -27.53
CA VAL A 179 -8.62 -5.99 -27.51
C VAL A 179 -7.80 -4.75 -27.89
N ASN A 180 -8.31 -3.94 -28.82
CA ASN A 180 -7.62 -2.66 -29.18
C ASN A 180 -7.47 -1.82 -27.90
N MET A 181 -6.25 -1.66 -27.39
CA MET A 181 -6.05 -0.93 -26.15
C MET A 181 -4.85 -0.05 -26.31
N GLU A 182 -5.02 1.22 -25.97
CA GLU A 182 -3.95 2.19 -26.09
C GLU A 182 -3.46 2.52 -24.69
N LEU A 183 -2.51 1.71 -24.21
CA LEU A 183 -1.96 1.90 -22.86
C LEU A 183 -0.90 2.99 -22.77
N ALA A 184 -1.04 3.85 -21.76
CA ALA A 184 -0.10 4.96 -21.53
C ALA A 184 0.40 4.95 -20.11
N LYS A 185 1.72 5.04 -19.94
CA LYS A 185 2.31 5.04 -18.60
C LYS A 185 1.90 6.24 -17.77
N ILE A 186 1.74 5.98 -16.49
CA ILE A 186 1.37 7.02 -15.53
C ILE A 186 2.65 7.49 -14.86
N LYS A 187 3.05 8.73 -15.12
CA LYS A 187 4.25 9.29 -14.50
C LYS A 187 3.92 9.42 -13.01
N GLN A 188 4.79 8.92 -12.14
CA GLN A 188 4.48 8.98 -10.71
C GLN A 188 4.65 10.34 -9.98
N LYS A 189 5.28 11.33 -10.61
CA LYS A 189 5.42 12.64 -9.95
C LYS A 189 4.03 13.21 -9.69
N CYS A 190 3.79 13.61 -8.43
CA CYS A 190 2.52 14.15 -8.00
C CYS A 190 2.72 15.27 -6.98
N PRO A 191 2.84 16.53 -7.45
CA PRO A 191 2.92 17.62 -6.48
C PRO A 191 1.62 17.78 -5.70
N LEU A 192 1.72 18.33 -4.49
CA LEU A 192 0.55 18.54 -3.65
C LEU A 192 0.43 20.02 -3.36
N TYR A 193 -0.80 20.50 -3.28
CA TYR A 193 -1.03 21.91 -3.02
C TYR A 193 -1.93 22.04 -1.79
N GLU A 194 -1.46 22.79 -0.78
CA GLU A 194 -2.24 22.99 0.43
C GLU A 194 -3.50 23.77 0.09
N ALA A 195 -4.45 23.78 1.01
CA ALA A 195 -5.72 24.48 0.83
C ALA A 195 -5.56 25.93 0.35
N ASN A 196 -4.51 26.61 0.80
CA ASN A 196 -4.26 28.00 0.38
C ASN A 196 -3.82 28.11 -1.10
N GLY A 197 -3.60 26.96 -1.73
CA GLY A 197 -3.18 26.89 -3.12
C GLY A 197 -1.69 26.84 -3.37
N GLN A 198 -0.87 27.05 -2.36
CA GLN A 198 0.59 27.02 -2.55
C GLN A 198 1.16 25.60 -2.43
N ALA A 199 2.14 25.30 -3.29
CA ALA A 199 2.77 23.98 -3.32
C ALA A 199 3.51 23.58 -2.04
N VAL A 200 3.61 22.28 -1.82
CA VAL A 200 4.32 21.73 -0.67
C VAL A 200 5.79 21.53 -1.06
N PRO A 201 6.72 22.17 -0.31
CA PRO A 201 8.15 21.99 -0.58
C PRO A 201 8.56 20.51 -0.62
N LYS A 202 9.56 20.20 -1.43
CA LYS A 202 10.10 18.84 -1.59
C LYS A 202 10.40 18.19 -0.24
N GLU A 203 11.06 18.96 0.63
CA GLU A 203 11.44 18.52 1.97
C GLU A 203 10.28 17.99 2.80
N LYS A 204 9.19 18.75 2.90
CA LYS A 204 8.01 18.32 3.65
C LYS A 204 7.48 17.03 3.04
N ASP A 205 7.07 17.15 1.78
CA ASP A 205 6.53 16.05 1.02
C ASP A 205 7.22 14.73 1.33
N GLU A 206 8.54 14.69 1.18
CA GLU A 206 9.32 13.48 1.43
C GLU A 206 9.26 13.04 2.90
N MET A 207 9.49 13.99 3.82
CA MET A 207 9.45 13.68 5.26
C MET A 207 8.10 13.09 5.69
N VAL A 208 7.01 13.71 5.26
CA VAL A 208 5.66 13.25 5.60
C VAL A 208 5.36 11.89 4.99
N GLU A 209 5.80 11.68 3.75
CA GLU A 209 5.57 10.40 3.09
C GLU A 209 6.34 9.29 3.80
N GLN A 210 7.54 9.60 4.25
CA GLN A 210 8.36 8.62 4.96
C GLN A 210 7.65 8.27 6.26
N GLU A 211 7.13 9.28 6.95
CA GLU A 211 6.41 9.06 8.20
C GLU A 211 5.16 8.22 7.96
N PHE A 212 4.45 8.51 6.87
CA PHE A 212 3.26 7.78 6.50
C PHE A 212 3.61 6.30 6.36
N ASN A 213 4.72 6.03 5.67
CA ASN A 213 5.17 4.65 5.49
C ASN A 213 5.60 4.05 6.82
N ARG A 214 6.27 4.86 7.64
CA ARG A 214 6.70 4.40 8.93
C ARG A 214 5.48 4.02 9.78
N LEU A 215 4.43 4.84 9.73
CA LEU A 215 3.23 4.55 10.49
C LEU A 215 2.55 3.26 9.98
N LEU A 216 2.58 2.99 8.68
CA LEU A 216 1.95 1.75 8.21
C LEU A 216 2.74 0.59 8.77
N GLU A 217 4.06 0.65 8.63
CA GLU A 217 4.97 -0.36 9.16
C GLU A 217 4.69 -0.59 10.63
N ALA A 218 4.45 0.50 11.36
CA ALA A 218 4.15 0.43 12.78
C ALA A 218 2.86 -0.32 13.12
N THR A 219 1.83 -0.20 12.29
CA THR A 219 0.59 -0.89 12.59
C THR A 219 0.76 -2.38 12.38
N SER A 220 1.66 -2.73 11.47
CA SER A 220 1.97 -4.12 11.17
C SER A 220 2.66 -4.75 12.38
N TYR A 221 3.54 -3.99 13.03
CA TYR A 221 4.22 -4.47 14.22
C TYR A 221 3.19 -4.65 15.33
N LEU A 222 2.31 -3.67 15.46
CA LEU A 222 1.24 -3.71 16.44
C LEU A 222 0.36 -4.94 16.25
N SER A 223 0.24 -5.41 15.02
CA SER A 223 -0.59 -6.56 14.74
C SER A 223 0.09 -7.91 14.94
N HIS A 224 1.27 -8.08 14.35
CA HIS A 224 2.03 -9.34 14.43
C HIS A 224 2.88 -9.55 15.69
N GLN A 225 3.22 -8.48 16.39
CA GLN A 225 4.07 -8.64 17.57
C GLN A 225 3.39 -8.41 18.91
N LEU A 226 2.47 -7.44 18.97
CA LEU A 226 1.77 -7.16 20.22
C LEU A 226 0.38 -7.83 20.17
N ASP A 227 0.07 -8.44 19.04
CA ASP A 227 -1.21 -9.13 18.80
C ASP A 227 -2.43 -8.27 19.19
N PHE A 228 -2.36 -6.99 18.83
CA PHE A 228 -3.40 -6.01 19.10
C PHE A 228 -4.41 -6.15 17.96
N ASN A 229 -5.19 -7.23 17.99
CA ASN A 229 -6.16 -7.43 16.92
C ASN A 229 -7.62 -7.51 17.34
N VAL A 230 -7.87 -7.43 18.65
CA VAL A 230 -9.22 -7.45 19.20
C VAL A 230 -9.26 -6.45 20.34
N LEU A 231 -10.27 -5.58 20.34
CA LEU A 231 -10.41 -4.56 21.38
C LEU A 231 -11.89 -4.41 21.73
N ASN A 232 -12.25 -4.84 22.94
CA ASN A 232 -13.64 -4.80 23.44
C ASN A 232 -14.52 -5.69 22.57
N ASN A 233 -14.08 -6.93 22.38
CA ASN A 233 -14.80 -7.93 21.57
C ASN A 233 -14.95 -7.54 20.11
N LYS A 234 -14.34 -6.42 19.71
CA LYS A 234 -14.43 -5.95 18.34
C LYS A 234 -13.10 -6.04 17.60
N PRO A 235 -13.14 -6.48 16.34
CA PRO A 235 -11.94 -6.51 15.50
C PRO A 235 -11.37 -5.11 15.31
N VAL A 236 -10.06 -5.00 15.42
CA VAL A 236 -9.37 -3.73 15.27
C VAL A 236 -9.23 -3.40 13.80
N SER A 237 -9.42 -2.14 13.48
CA SER A 237 -9.31 -1.65 12.11
C SER A 237 -7.97 -0.99 11.93
N LEU A 238 -7.59 -0.78 10.67
CA LEU A 238 -6.34 -0.10 10.35
C LEU A 238 -6.36 1.29 10.97
N GLY A 239 -7.47 2.00 10.77
CA GLY A 239 -7.67 3.35 11.31
C GLY A 239 -7.35 3.40 12.79
N GLN A 240 -7.99 2.54 13.57
CA GLN A 240 -7.73 2.47 15.02
C GLN A 240 -6.26 2.29 15.33
N ALA A 241 -5.62 1.34 14.65
CA ALA A 241 -4.22 1.08 14.89
C ALA A 241 -3.41 2.32 14.63
N LEU A 242 -3.65 3.00 13.51
CA LEU A 242 -2.91 4.23 13.19
C LEU A 242 -3.10 5.29 14.27
N GLU A 243 -4.33 5.45 14.74
CA GLU A 243 -4.62 6.42 15.78
C GLU A 243 -3.80 6.09 17.03
N VAL A 244 -3.71 4.81 17.38
CA VAL A 244 -2.93 4.39 18.55
C VAL A 244 -1.45 4.70 18.37
N VAL A 245 -0.92 4.35 17.20
CA VAL A 245 0.48 4.58 16.90
C VAL A 245 0.82 6.08 16.98
N ILE A 246 -0.05 6.90 16.43
CA ILE A 246 0.16 8.36 16.44
C ILE A 246 0.09 8.89 17.86
N GLN A 247 -0.86 8.39 18.64
CA GLN A 247 -0.95 8.83 20.02
C GLN A 247 0.32 8.46 20.77
N LEU A 248 0.85 7.26 20.53
CA LEU A 248 2.08 6.82 21.18
C LEU A 248 3.29 7.67 20.82
N GLN A 249 3.32 8.19 19.58
CA GLN A 249 4.41 9.05 19.13
C GLN A 249 4.27 10.41 19.80
N GLU A 250 3.02 10.84 20.02
CA GLU A 250 2.78 12.11 20.70
C GLU A 250 3.22 11.96 22.15
N LYS A 251 2.94 10.79 22.71
CA LYS A 251 3.31 10.47 24.09
C LYS A 251 4.84 10.47 24.20
N HIS A 252 5.52 9.88 23.23
CA HIS A 252 6.97 9.85 23.27
C HIS A 252 7.61 11.24 23.21
N VAL A 253 7.00 12.13 22.43
CA VAL A 253 7.50 13.49 22.31
C VAL A 253 7.43 14.18 23.68
N LYS A 254 6.34 13.94 24.39
CA LYS A 254 6.13 14.50 25.71
C LYS A 254 7.00 13.81 26.75
N ASP A 255 7.26 12.51 26.57
CA ASP A 255 8.12 11.79 27.50
C ASP A 255 9.55 12.33 27.43
N GLU A 256 10.00 12.66 26.21
CA GLU A 256 11.33 13.20 26.00
C GLU A 256 11.44 14.63 26.50
N GLN A 257 10.38 15.41 26.35
CA GLN A 257 10.39 16.78 26.82
C GLN A 257 10.57 16.78 28.33
N ILE A 258 9.82 15.91 28.99
CA ILE A 258 9.87 15.75 30.43
C ILE A 258 11.27 15.36 30.88
N GLU A 259 11.84 14.32 30.30
CA GLU A 259 13.19 13.91 30.70
C GLU A 259 14.24 15.01 30.44
N HIS A 260 14.00 15.84 29.42
CA HIS A 260 14.93 16.93 29.12
C HIS A 260 14.84 18.00 30.21
N TRP A 261 13.63 18.43 30.54
CA TRP A 261 13.47 19.44 31.58
C TRP A 261 13.83 18.91 32.97
N LYS A 262 13.77 17.59 33.17
CA LYS A 262 14.13 16.99 34.44
C LYS A 262 15.64 16.97 34.61
N LYS A 263 16.38 16.99 33.50
CA LYS A 263 17.83 17.01 33.57
C LYS A 263 18.25 18.41 33.92
N ILE A 264 17.45 19.38 33.49
CA ILE A 264 17.72 20.76 33.78
C ILE A 264 17.53 21.01 35.29
N VAL A 265 16.40 20.58 35.86
CA VAL A 265 16.19 20.78 37.30
C VAL A 265 17.25 20.07 38.12
N LYS A 266 17.57 18.83 37.75
CA LYS A 266 18.58 18.08 38.49
C LYS A 266 19.88 18.88 38.56
N THR A 267 20.32 19.42 37.42
CA THR A 267 21.53 20.21 37.33
C THR A 267 21.34 21.54 38.06
N GLN A 268 20.20 22.18 37.77
CA GLN A 268 19.83 23.46 38.36
C GLN A 268 19.84 23.29 39.89
N GLU A 269 19.49 22.09 40.37
CA GLU A 269 19.49 21.79 41.81
C GLU A 269 20.89 21.58 42.35
N GLU A 270 21.75 20.90 41.59
CA GLU A 270 23.13 20.66 42.02
C GLU A 270 23.81 22.02 42.20
N LEU A 271 23.44 22.96 41.33
CA LEU A 271 23.97 24.30 41.35
C LEU A 271 23.58 24.99 42.66
N LYS A 272 22.31 24.85 43.04
CA LYS A 272 21.77 25.44 44.27
C LYS A 272 22.60 24.96 45.46
N GLU A 273 22.85 23.66 45.53
CA GLU A 273 23.64 23.11 46.64
C GLU A 273 25.06 23.64 46.65
N LEU A 274 25.65 23.77 45.48
CA LEU A 274 27.01 24.27 45.36
C LEU A 274 27.06 25.76 45.75
N LEU A 275 26.07 26.52 45.30
CA LEU A 275 26.02 27.94 45.61
C LEU A 275 25.86 28.13 47.12
N ASN A 276 25.02 27.31 47.75
CA ASN A 276 24.82 27.37 49.20
C ASN A 276 26.14 27.16 49.91
N LYS A 277 26.90 26.15 49.49
CA LYS A 277 28.20 25.86 50.09
C LYS A 277 29.10 27.07 49.93
N MET A 278 29.12 27.63 48.71
CA MET A 278 29.93 28.79 48.42
C MET A 278 29.58 30.01 49.28
N VAL A 279 28.29 30.27 49.46
CA VAL A 279 27.85 31.40 50.28
C VAL A 279 28.28 31.23 51.73
N ASN A 280 28.13 30.02 52.26
CA ASN A 280 28.53 29.71 53.64
C ASN A 280 30.05 29.79 53.78
N LEU A 281 30.76 29.34 52.74
CA LEU A 281 32.21 29.37 52.75
C LEU A 281 32.72 30.80 52.69
N LYS A 282 32.00 31.67 51.96
CA LYS A 282 32.40 33.07 51.86
C LYS A 282 32.21 33.75 53.22
N GLU A 283 31.21 33.31 53.99
CA GLU A 283 30.96 33.87 55.33
C GLU A 283 32.15 33.51 56.20
N LYS A 284 32.53 32.22 56.19
CA LYS A 284 33.65 31.74 56.99
C LYS A 284 34.93 32.48 56.62
N ILE A 285 35.15 32.66 55.32
CA ILE A 285 36.33 33.38 54.84
C ILE A 285 36.30 34.82 55.31
N LYS A 286 35.15 35.46 55.22
CA LYS A 286 34.94 36.84 55.65
C LYS A 286 35.32 36.98 57.14
N GLU A 287 34.87 36.00 57.92
CA GLU A 287 35.11 35.94 59.35
C GLU A 287 36.57 35.69 59.70
N LEU A 288 37.20 34.73 59.01
CA LEU A 288 38.60 34.41 59.25
C LEU A 288 39.49 35.59 58.95
N HIS A 289 39.20 36.30 57.86
CA HIS A 289 39.98 37.46 57.47
C HIS A 289 39.97 38.50 58.60
N GLN A 290 38.80 38.71 59.18
CA GLN A 290 38.63 39.66 60.26
C GLN A 290 39.48 39.24 61.45
N GLN A 291 39.47 37.94 61.74
CA GLN A 291 40.25 37.40 62.85
C GLN A 291 41.75 37.54 62.58
N TYR A 292 42.14 37.27 61.34
CA TYR A 292 43.53 37.38 60.93
C TYR A 292 43.97 38.84 61.07
N LYS A 293 43.10 39.76 60.67
CA LYS A 293 43.37 41.19 60.75
C LYS A 293 43.55 41.65 62.19
N GLU A 294 42.75 41.09 63.10
CA GLU A 294 42.84 41.41 64.53
C GLU A 294 44.11 40.82 65.13
N ALA A 295 44.48 39.62 64.70
CA ALA A 295 45.68 38.98 65.20
C ALA A 295 46.91 39.76 64.75
N SER A 296 46.84 40.34 63.55
CA SER A 296 47.94 41.14 62.99
C SER A 296 48.09 42.50 63.64
N GLU A 297 47.15 42.84 64.55
CA GLU A 297 47.18 44.13 65.28
C GLU A 297 48.12 44.02 66.45
N VAL A 298 48.31 42.79 66.95
CA VAL A 298 49.22 42.55 68.07
C VAL A 298 50.51 42.60 67.31
N LYS A 299 51.20 43.72 67.43
CA LYS A 299 52.48 43.92 66.75
C LYS A 299 53.64 43.36 67.56
N PRO A 300 54.69 42.94 66.87
CA PRO A 300 55.87 42.38 67.54
C PRO A 300 56.72 43.46 68.20
N PRO A 301 57.63 43.05 69.07
CA PRO A 301 57.81 41.64 69.38
C PRO A 301 56.64 41.07 70.18
N ARG A 302 56.18 39.88 69.80
CA ARG A 302 55.07 39.24 70.47
C ARG A 302 55.43 37.81 70.88
N ASP A 303 54.75 37.30 71.90
CA ASP A 303 55.01 35.94 72.37
C ASP A 303 54.65 34.93 71.28
N ILE A 304 55.15 33.71 71.41
CA ILE A 304 54.89 32.71 70.36
C ILE A 304 53.41 32.34 70.11
N THR A 305 52.51 32.53 71.07
CA THR A 305 51.09 32.21 70.84
C THR A 305 50.47 33.23 69.90
N ALA A 306 50.87 34.50 70.08
CA ALA A 306 50.40 35.60 69.23
C ALA A 306 50.85 35.35 67.79
N GLU A 307 52.12 34.96 67.64
CA GLU A 307 52.71 34.64 66.34
C GLU A 307 52.00 33.43 65.80
N PHE A 308 51.76 32.45 66.65
CA PHE A 308 51.06 31.25 66.19
C PHE A 308 49.69 31.61 65.66
N LEU A 309 49.00 32.50 66.36
CA LEU A 309 47.67 32.93 65.94
C LEU A 309 47.66 33.50 64.53
N VAL A 310 48.59 34.41 64.24
CA VAL A 310 48.69 35.02 62.93
C VAL A 310 48.96 33.96 61.85
N LYS A 311 50.01 33.16 62.06
CA LYS A 311 50.40 32.10 61.13
C LYS A 311 49.29 31.07 60.95
N SER A 312 48.68 30.68 62.07
CA SER A 312 47.60 29.70 62.08
C SER A 312 46.38 30.17 61.30
N LYS A 313 45.93 31.40 61.58
CA LYS A 313 44.77 31.95 60.88
C LYS A 313 45.08 32.08 59.40
N HIS A 314 46.32 32.44 59.08
CA HIS A 314 46.75 32.60 57.69
C HIS A 314 46.55 31.29 56.96
N ARG A 315 47.08 30.20 57.52
CA ARG A 315 46.95 28.89 56.91
C ARG A 315 45.49 28.45 56.71
N ASP A 316 44.67 28.67 57.73
CA ASP A 316 43.25 28.31 57.67
C ASP A 316 42.54 29.11 56.59
N LEU A 317 42.93 30.37 56.43
CA LEU A 317 42.35 31.24 55.43
C LEU A 317 42.73 30.78 54.02
N THR A 318 44.00 30.45 53.79
CA THR A 318 44.46 29.97 52.50
C THR A 318 43.76 28.67 52.13
N ALA A 319 43.68 27.74 53.09
CA ALA A 319 43.02 26.45 52.87
C ALA A 319 41.59 26.65 52.41
N LEU A 320 40.87 27.55 53.07
CA LEU A 320 39.47 27.84 52.72
C LEU A 320 39.37 28.54 51.37
N CYS A 321 40.32 29.39 51.05
CA CYS A 321 40.31 30.08 49.75
C CYS A 321 40.53 29.06 48.64
N LYS A 322 41.28 28.00 48.93
CA LYS A 322 41.52 26.94 47.97
C LYS A 322 40.24 26.16 47.75
N GLU A 323 39.46 25.99 48.82
CA GLU A 323 38.18 25.27 48.74
C GLU A 323 37.20 26.05 47.87
N TYR A 324 37.22 27.38 48.02
CA TYR A 324 36.35 28.26 47.26
C TYR A 324 36.67 28.24 45.77
N ASP A 325 37.96 28.24 45.44
CA ASP A 325 38.41 28.22 44.03
C ASP A 325 38.02 26.94 43.31
N GLU A 326 37.96 25.85 44.09
CA GLU A 326 37.60 24.54 43.57
C GLU A 326 36.11 24.51 43.29
N LEU A 327 35.33 25.11 44.19
CA LEU A 327 33.88 25.17 44.04
C LEU A 327 33.52 26.13 42.90
N ALA A 328 34.32 27.17 42.70
CA ALA A 328 34.09 28.14 41.62
C ALA A 328 34.34 27.47 40.28
N GLU A 329 35.26 26.51 40.30
CA GLU A 329 35.64 25.73 39.12
C GLU A 329 34.45 24.85 38.75
N THR A 330 33.81 24.25 39.77
CA THR A 330 32.65 23.39 39.59
C THR A 330 31.44 24.20 39.14
N GLN A 331 31.35 25.46 39.60
CA GLN A 331 30.24 26.34 39.23
C GLN A 331 30.25 26.60 37.72
N GLY A 332 31.44 26.85 37.16
CA GLY A 332 31.59 27.12 35.74
C GLY A 332 31.24 25.93 34.86
N LYS A 333 31.43 24.73 35.42
CA LYS A 333 31.13 23.47 34.73
C LYS A 333 29.62 23.25 34.68
N LEU A 334 28.95 23.47 35.80
CA LEU A 334 27.51 23.29 35.89
C LEU A 334 26.79 24.37 35.08
N GLU A 335 27.27 25.61 35.18
CA GLU A 335 26.67 26.73 34.47
C GLU A 335 26.65 26.49 32.95
N GLU A 336 27.76 26.00 32.40
CA GLU A 336 27.86 25.72 30.98
C GLU A 336 27.09 24.47 30.59
N LYS A 337 27.02 23.51 31.52
CA LYS A 337 26.27 22.28 31.28
C LYS A 337 24.78 22.62 31.12
N LEU A 338 24.37 23.77 31.66
CA LEU A 338 23.00 24.25 31.59
C LEU A 338 22.71 24.99 30.29
N GLN A 339 23.69 25.80 29.85
CA GLN A 339 23.55 26.57 28.61
C GLN A 339 23.56 25.58 27.43
N GLU A 340 24.05 24.38 27.70
CA GLU A 340 24.13 23.30 26.73
C GLU A 340 22.77 22.65 26.59
N LEU A 341 22.16 22.31 27.72
CA LEU A 341 20.85 21.67 27.70
C LEU A 341 19.78 22.66 27.25
N GLU A 342 19.88 23.91 27.72
CA GLU A 342 18.93 24.96 27.33
C GLU A 342 18.96 25.16 25.82
N ALA A 343 20.13 24.98 25.21
CA ALA A 343 20.31 25.13 23.76
C ALA A 343 19.95 23.89 22.93
N ASN A 344 19.84 22.73 23.58
CA ASN A 344 19.50 21.47 22.89
C ASN A 344 18.16 20.87 23.32
N PRO A 345 17.04 21.58 23.06
CA PRO A 345 15.77 20.96 23.43
C PRO A 345 15.38 19.89 22.43
N PRO A 346 14.57 18.96 22.88
CA PRO A 346 14.08 17.88 22.04
C PRO A 346 12.96 18.48 21.25
N SER A 347 12.29 17.68 20.44
CA SER A 347 11.21 18.18 19.61
C SER A 347 9.99 18.67 20.35
N ASP A 348 9.42 19.72 19.79
CA ASP A 348 8.25 20.37 20.33
C ASP A 348 6.95 19.62 20.09
N VAL A 349 6.76 19.09 18.89
CA VAL A 349 5.58 18.33 18.53
C VAL A 349 5.94 17.11 17.71
N TYR A 350 5.03 16.16 17.61
CA TYR A 350 5.24 15.00 16.80
C TYR A 350 4.95 15.45 15.38
N LEU A 351 3.78 16.05 15.18
CA LEU A 351 3.38 16.57 13.88
C LEU A 351 2.64 17.88 14.04
N SER A 352 3.08 18.91 13.31
CA SER A 352 2.40 20.19 13.36
C SER A 352 1.07 20.05 12.63
N SER A 353 0.25 21.11 12.66
CA SER A 353 -1.04 21.12 11.99
C SER A 353 -0.90 20.92 10.50
N ARG A 354 0.12 21.55 9.94
CA ARG A 354 0.42 21.47 8.52
C ARG A 354 0.84 20.05 8.18
N ASP A 355 1.73 19.49 8.99
CA ASP A 355 2.21 18.13 8.78
C ASP A 355 1.05 17.15 8.82
N ARG A 356 0.13 17.35 9.75
CA ARG A 356 -1.03 16.48 9.89
C ARG A 356 -1.94 16.54 8.66
N GLN A 357 -2.09 17.73 8.07
CA GLN A 357 -2.92 17.86 6.89
C GLN A 357 -2.30 17.12 5.73
N ILE A 358 -0.99 17.26 5.56
CA ILE A 358 -0.29 16.56 4.49
C ILE A 358 -0.37 15.07 4.73
N LEU A 359 -0.24 14.65 5.99
CA LEU A 359 -0.35 13.24 6.33
C LEU A 359 -1.74 12.73 5.98
N ASP A 360 -2.76 13.54 6.25
CA ASP A 360 -4.12 13.16 5.94
C ASP A 360 -4.29 12.97 4.43
N TRP A 361 -3.47 13.65 3.63
CA TRP A 361 -3.56 13.49 2.18
C TRP A 361 -3.15 12.06 1.87
N HIS A 362 -2.08 11.59 2.49
CA HIS A 362 -1.63 10.23 2.26
C HIS A 362 -2.68 9.22 2.72
N PHE A 363 -3.36 9.49 3.84
CA PHE A 363 -4.40 8.59 4.32
C PHE A 363 -5.57 8.59 3.32
N ALA A 364 -5.90 9.77 2.81
CA ALA A 364 -6.98 9.88 1.83
C ALA A 364 -6.62 9.02 0.62
N ASN A 365 -5.33 9.06 0.25
CA ASN A 365 -4.85 8.29 -0.88
C ASN A 365 -5.01 6.79 -0.68
N LEU A 366 -4.78 6.34 0.55
CA LEU A 366 -4.94 4.94 0.91
C LEU A 366 -6.43 4.61 0.94
N GLU A 367 -7.25 5.56 1.38
CA GLU A 367 -8.70 5.38 1.43
C GLU A 367 -9.22 5.26 0.01
N PHE A 368 -8.58 6.00 -0.91
CA PHE A 368 -8.98 5.89 -2.34
C PHE A 368 -8.61 4.49 -2.84
N ALA A 369 -7.36 4.08 -2.65
CA ALA A 369 -6.93 2.77 -3.13
C ALA A 369 -7.84 1.63 -2.64
N ASN A 370 -8.24 1.68 -1.37
CA ASN A 370 -9.08 0.64 -0.84
C ASN A 370 -10.58 0.96 -0.91
N ALA A 371 -10.91 2.08 -1.54
CA ALA A 371 -12.30 2.53 -1.68
C ALA A 371 -13.10 2.46 -0.39
N THR A 372 -12.46 2.83 0.72
CA THR A 372 -13.15 2.78 2.00
C THR A 372 -12.39 3.55 3.07
N PRO A 373 -13.10 4.12 4.06
CA PRO A 373 -12.39 4.78 5.16
C PRO A 373 -11.47 3.82 5.90
N LEU A 374 -10.31 4.28 6.35
CA LEU A 374 -9.38 3.42 7.07
C LEU A 374 -9.98 2.78 8.33
N SER A 375 -11.03 3.38 8.86
CA SER A 375 -11.65 2.85 10.07
C SER A 375 -12.46 1.57 9.82
N THR A 376 -12.61 1.18 8.55
CA THR A 376 -13.38 -0.03 8.21
C THR A 376 -12.50 -1.22 7.77
N LEU A 377 -11.23 -0.96 7.49
CA LEU A 377 -10.30 -2.01 7.05
C LEU A 377 -9.79 -2.87 8.17
N SER A 378 -9.67 -4.17 7.90
CA SER A 378 -9.16 -5.12 8.86
C SER A 378 -7.69 -4.84 9.15
N LEU A 379 -7.29 -4.66 10.41
CA LEU A 379 -5.88 -4.41 10.66
C LEU A 379 -5.06 -5.64 10.28
N LYS A 380 -5.61 -6.81 10.58
CA LYS A 380 -4.91 -8.04 10.33
C LYS A 380 -4.78 -8.45 8.87
N HIS A 381 -5.80 -8.17 8.06
CA HIS A 381 -5.79 -8.60 6.66
C HIS A 381 -5.99 -7.57 5.56
N TRP A 382 -6.06 -6.27 5.86
CA TRP A 382 -6.33 -5.30 4.80
C TRP A 382 -5.42 -5.41 3.58
N ASP A 383 -4.18 -5.82 3.81
CA ASP A 383 -3.22 -5.97 2.73
C ASP A 383 -2.92 -7.46 2.43
N GLN A 384 -3.91 -8.33 2.62
CA GLN A 384 -3.71 -9.77 2.40
C GLN A 384 -3.25 -10.18 1.01
N ASP A 385 -3.56 -9.33 0.02
CA ASP A 385 -3.20 -9.60 -1.37
C ASP A 385 -1.96 -8.87 -1.89
N ASP A 386 -1.21 -8.20 -1.00
CA ASP A 386 -0.01 -7.46 -1.42
C ASP A 386 1.05 -8.31 -2.13
N ASP A 387 1.22 -9.56 -1.70
CA ASP A 387 2.20 -10.46 -2.31
C ASP A 387 1.92 -10.86 -3.76
N PHE A 388 0.71 -10.59 -4.24
CA PHE A 388 0.33 -10.97 -5.59
C PHE A 388 0.41 -9.83 -6.60
N GLU A 389 0.99 -8.70 -6.21
CA GLU A 389 1.12 -7.56 -7.12
C GLU A 389 1.91 -7.84 -8.38
N PHE A 390 1.46 -7.24 -9.48
CA PHE A 390 2.11 -7.40 -10.77
C PHE A 390 3.31 -6.48 -10.87
N THR A 391 4.18 -6.73 -11.84
CA THR A 391 5.34 -5.91 -12.04
C THR A 391 5.15 -4.99 -13.23
N GLY A 392 6.02 -3.99 -13.35
CA GLY A 392 5.96 -3.03 -14.44
C GLY A 392 5.24 -1.79 -13.98
N SER A 393 5.24 -0.78 -14.84
CA SER A 393 4.61 0.48 -14.51
C SER A 393 3.10 0.43 -14.65
N HIS A 394 2.44 1.26 -13.86
CA HIS A 394 1.00 1.37 -13.89
C HIS A 394 0.64 2.14 -15.17
N LEU A 395 -0.50 1.80 -15.75
CA LEU A 395 -0.93 2.42 -17.00
C LEU A 395 -2.41 2.79 -16.96
N THR A 396 -2.83 3.62 -17.90
CA THR A 396 -4.23 4.01 -18.04
C THR A 396 -4.59 3.70 -19.45
N VAL A 397 -5.88 3.47 -19.69
CA VAL A 397 -6.39 3.16 -21.02
C VAL A 397 -6.75 4.47 -21.70
N ARG A 398 -5.86 4.97 -22.54
CA ARG A 398 -6.04 6.24 -23.21
C ARG A 398 -7.32 6.38 -24.03
N ASN A 399 -7.80 5.28 -24.59
CA ASN A 399 -9.01 5.32 -25.40
C ASN A 399 -10.27 4.86 -24.64
N GLY A 400 -10.17 4.78 -23.32
CA GLY A 400 -11.30 4.38 -22.48
C GLY A 400 -11.35 2.87 -22.28
N TYR A 401 -11.43 2.45 -21.02
CA TYR A 401 -11.41 1.00 -20.69
C TYR A 401 -12.56 0.26 -21.37
N SER A 402 -13.71 0.91 -21.55
CA SER A 402 -14.88 0.21 -22.10
C SER A 402 -14.57 -0.55 -23.38
N CYS A 403 -13.46 -0.25 -24.03
CA CYS A 403 -13.12 -0.96 -25.27
C CYS A 403 -12.96 -2.45 -25.01
N VAL A 404 -12.61 -2.82 -23.77
CA VAL A 404 -12.44 -4.22 -23.38
C VAL A 404 -13.77 -4.98 -23.34
N PRO A 405 -14.71 -4.60 -22.43
CA PRO A 405 -15.99 -5.30 -22.41
C PRO A 405 -16.71 -5.24 -23.75
N VAL A 406 -16.70 -4.08 -24.39
CA VAL A 406 -17.38 -3.97 -25.69
C VAL A 406 -16.82 -5.05 -26.63
N ALA A 407 -15.51 -5.24 -26.63
CA ALA A 407 -14.88 -6.27 -27.49
C ALA A 407 -15.24 -7.69 -27.03
N LEU A 408 -15.22 -7.92 -25.72
CA LEU A 408 -15.54 -9.23 -25.18
C LEU A 408 -16.97 -9.62 -25.49
N ALA A 409 -17.85 -8.63 -25.68
CA ALA A 409 -19.25 -8.89 -26.00
C ALA A 409 -19.51 -9.41 -27.43
N GLU A 410 -18.55 -9.23 -28.33
CA GLU A 410 -18.73 -9.69 -29.72
C GLU A 410 -19.18 -11.13 -29.87
N GLY A 411 -20.31 -11.35 -30.53
CA GLY A 411 -20.79 -12.70 -30.74
C GLY A 411 -21.53 -13.39 -29.61
N LEU A 412 -21.75 -12.69 -28.50
CA LEU A 412 -22.46 -13.25 -27.37
C LEU A 412 -23.94 -12.87 -27.41
N ASP A 413 -24.77 -13.65 -26.75
CA ASP A 413 -26.22 -13.40 -26.67
C ASP A 413 -26.47 -12.59 -25.41
N ILE A 414 -26.55 -11.28 -25.53
CA ILE A 414 -26.76 -10.46 -24.36
C ILE A 414 -28.12 -9.78 -24.35
N LYS A 415 -28.86 -9.91 -23.25
CA LYS A 415 -30.17 -9.27 -23.12
C LYS A 415 -29.97 -8.07 -22.22
N LEU A 416 -29.93 -6.88 -22.82
CA LEU A 416 -29.75 -5.62 -22.09
C LEU A 416 -31.10 -5.21 -21.48
N ASN A 417 -31.09 -4.27 -20.54
CA ASN A 417 -32.33 -3.80 -19.89
C ASN A 417 -33.21 -4.91 -19.35
N THR A 418 -32.57 -5.93 -18.80
CA THR A 418 -33.22 -7.08 -18.25
C THR A 418 -32.70 -7.25 -16.84
N ALA A 419 -33.51 -6.84 -15.86
CA ALA A 419 -33.09 -6.94 -14.45
C ALA A 419 -33.62 -8.22 -13.83
N VAL A 420 -32.70 -9.06 -13.37
CA VAL A 420 -33.05 -10.30 -12.73
C VAL A 420 -33.68 -9.96 -11.39
N ARG A 421 -34.81 -10.60 -11.08
CA ARG A 421 -35.52 -10.38 -9.82
C ARG A 421 -35.44 -11.61 -8.93
N GLN A 422 -35.46 -12.79 -9.55
CA GLN A 422 -35.46 -14.02 -8.81
C GLN A 422 -34.66 -15.14 -9.45
N VAL A 423 -33.96 -15.90 -8.62
CA VAL A 423 -33.15 -17.03 -9.08
C VAL A 423 -33.63 -18.28 -8.36
N ARG A 424 -34.21 -19.20 -9.14
CA ARG A 424 -34.74 -20.48 -8.63
C ARG A 424 -33.82 -21.60 -9.08
N TYR A 425 -33.35 -22.41 -8.15
CA TYR A 425 -32.45 -23.51 -8.50
C TYR A 425 -32.89 -24.78 -7.82
N THR A 426 -33.10 -25.83 -8.60
CA THR A 426 -33.56 -27.09 -8.04
C THR A 426 -32.73 -28.24 -8.58
N ALA A 427 -33.01 -29.43 -8.07
CA ALA A 427 -32.31 -30.64 -8.46
C ALA A 427 -32.32 -30.95 -9.96
N SER A 428 -33.25 -30.38 -10.70
CA SER A 428 -33.29 -30.69 -12.13
C SER A 428 -33.04 -29.50 -13.05
N GLY A 429 -32.68 -28.36 -12.48
CA GLY A 429 -32.46 -27.20 -13.32
C GLY A 429 -32.84 -25.92 -12.62
N CYS A 430 -32.57 -24.80 -13.28
CA CYS A 430 -32.86 -23.51 -12.72
C CYS A 430 -33.79 -22.72 -13.58
N GLU A 431 -34.41 -21.71 -12.94
CA GLU A 431 -35.35 -20.80 -13.64
C GLU A 431 -35.10 -19.38 -13.11
N VAL A 432 -34.70 -18.45 -13.96
CA VAL A 432 -34.39 -17.08 -13.58
C VAL A 432 -35.51 -16.18 -14.03
N ILE A 433 -36.01 -15.37 -13.10
CA ILE A 433 -37.09 -14.45 -13.39
C ILE A 433 -36.52 -13.05 -13.50
N ALA A 434 -36.79 -12.41 -14.62
CA ALA A 434 -36.30 -11.05 -14.87
C ALA A 434 -37.36 -10.15 -15.47
N VAL A 435 -37.18 -8.85 -15.28
CA VAL A 435 -38.13 -7.87 -15.82
C VAL A 435 -37.42 -6.93 -16.78
N ASN A 436 -38.20 -6.24 -17.60
CA ASN A 436 -37.68 -5.26 -18.53
C ASN A 436 -37.56 -3.96 -17.72
N THR A 437 -36.36 -3.42 -17.59
CA THR A 437 -36.17 -2.19 -16.80
C THR A 437 -36.93 -0.95 -17.29
N ARG A 438 -37.36 -0.95 -18.56
CA ARG A 438 -38.09 0.19 -19.13
C ARG A 438 -39.62 0.14 -18.86
N SER A 439 -40.12 -1.05 -18.48
CA SER A 439 -41.53 -1.26 -18.13
C SER A 439 -41.52 -2.55 -17.29
N THR A 440 -41.38 -2.36 -15.98
CA THR A 440 -41.28 -3.45 -14.99
C THR A 440 -42.33 -4.58 -15.05
N SER A 441 -43.54 -4.29 -15.53
CA SER A 441 -44.57 -5.32 -15.61
C SER A 441 -44.17 -6.46 -16.56
N GLN A 442 -43.45 -6.13 -17.64
CA GLN A 442 -43.00 -7.12 -18.63
C GLN A 442 -42.01 -8.12 -18.01
N THR A 443 -42.45 -9.38 -17.90
CA THR A 443 -41.67 -10.44 -17.29
C THR A 443 -41.11 -11.51 -18.21
N PHE A 444 -39.89 -11.96 -17.90
CA PHE A 444 -39.20 -13.01 -18.66
C PHE A 444 -38.79 -14.17 -17.75
N ILE A 445 -38.87 -15.38 -18.31
CA ILE A 445 -38.50 -16.58 -17.61
C ILE A 445 -37.39 -17.26 -18.41
N TYR A 446 -36.31 -17.64 -17.76
CA TYR A 446 -35.23 -18.31 -18.47
C TYR A 446 -34.92 -19.61 -17.76
N LYS A 447 -35.09 -20.72 -18.45
CA LYS A 447 -34.78 -22.02 -17.84
C LYS A 447 -33.37 -22.44 -18.28
N CYS A 448 -32.60 -23.02 -17.37
CA CYS A 448 -31.27 -23.45 -17.73
C CYS A 448 -30.81 -24.57 -16.83
N ASP A 449 -29.66 -25.15 -17.16
CA ASP A 449 -29.06 -26.22 -16.36
C ASP A 449 -28.28 -25.64 -15.19
N ALA A 450 -27.76 -24.42 -15.34
CA ALA A 450 -26.95 -23.76 -14.32
C ALA A 450 -26.98 -22.24 -14.42
N VAL A 451 -26.79 -21.57 -13.30
CA VAL A 451 -26.76 -20.11 -13.25
C VAL A 451 -25.44 -19.61 -12.69
N LEU A 452 -24.83 -18.67 -13.40
CA LEU A 452 -23.59 -18.06 -12.95
C LEU A 452 -24.00 -16.66 -12.51
N CYS A 453 -23.87 -16.40 -11.22
CA CYS A 453 -24.24 -15.11 -10.66
C CYS A 453 -23.03 -14.20 -10.52
N THR A 454 -23.04 -13.06 -11.21
CA THR A 454 -21.91 -12.14 -11.09
C THR A 454 -22.35 -10.79 -10.53
N LEU A 455 -23.47 -10.80 -9.83
CA LEU A 455 -24.03 -9.61 -9.22
C LEU A 455 -22.96 -9.07 -8.28
N PRO A 456 -22.81 -7.73 -8.21
CA PRO A 456 -21.80 -7.21 -7.31
C PRO A 456 -22.12 -7.47 -5.85
N LEU A 457 -21.08 -7.50 -5.02
CA LEU A 457 -21.26 -7.70 -3.60
C LEU A 457 -22.25 -6.67 -3.04
N GLY A 458 -22.17 -5.43 -3.53
CA GLY A 458 -23.08 -4.36 -3.10
C GLY A 458 -24.54 -4.76 -3.32
N VAL A 459 -24.81 -5.39 -4.47
CA VAL A 459 -26.17 -5.84 -4.76
C VAL A 459 -26.52 -7.01 -3.83
N LEU A 460 -25.62 -7.98 -3.68
CA LEU A 460 -25.87 -9.12 -2.79
C LEU A 460 -26.18 -8.69 -1.36
N LYS A 461 -25.66 -7.54 -0.94
CA LYS A 461 -25.90 -7.04 0.41
C LYS A 461 -27.24 -6.32 0.58
N GLN A 462 -27.82 -5.84 -0.53
CA GLN A 462 -29.08 -5.10 -0.46
C GLN A 462 -30.10 -5.73 0.48
N GLN A 463 -30.61 -4.92 1.39
CA GLN A 463 -31.62 -5.37 2.34
C GLN A 463 -32.73 -4.29 2.42
N PRO A 464 -33.97 -4.68 2.08
CA PRO A 464 -34.37 -6.02 1.63
C PRO A 464 -33.78 -6.30 0.24
N PRO A 465 -33.74 -7.57 -0.17
CA PRO A 465 -32.94 -7.94 -1.34
C PRO A 465 -33.44 -7.39 -2.67
N ALA A 466 -32.54 -7.23 -3.63
CA ALA A 466 -32.89 -6.75 -4.96
C ALA A 466 -33.13 -7.99 -5.79
N VAL A 467 -32.48 -9.08 -5.41
CA VAL A 467 -32.61 -10.34 -6.12
C VAL A 467 -32.90 -11.40 -5.08
N GLN A 468 -33.97 -12.16 -5.30
CA GLN A 468 -34.35 -13.18 -4.36
C GLN A 468 -33.87 -14.54 -4.85
N PHE A 469 -33.30 -15.32 -3.94
CA PHE A 469 -32.84 -16.65 -4.27
C PHE A 469 -33.83 -17.63 -3.68
N VAL A 470 -34.25 -18.59 -4.49
CA VAL A 470 -35.21 -19.58 -4.04
C VAL A 470 -34.66 -20.98 -4.35
N PRO A 471 -34.35 -21.78 -3.30
CA PRO A 471 -34.40 -21.50 -1.86
C PRO A 471 -33.37 -20.44 -1.42
N PRO A 472 -33.55 -19.87 -0.22
CA PRO A 472 -32.60 -18.82 0.18
C PRO A 472 -31.21 -19.37 0.22
N LEU A 473 -30.20 -18.50 0.07
CA LEU A 473 -28.82 -18.94 0.13
C LEU A 473 -28.57 -19.40 1.58
N PRO A 474 -27.66 -20.36 1.78
CA PRO A 474 -27.41 -20.80 3.17
C PRO A 474 -26.67 -19.75 4.00
N GLU A 475 -26.70 -19.91 5.32
CA GLU A 475 -26.03 -18.98 6.22
C GLU A 475 -24.54 -18.84 5.98
N TRP A 476 -23.86 -19.92 5.60
CA TRP A 476 -22.41 -19.82 5.38
C TRP A 476 -22.14 -18.80 4.28
N LYS A 477 -23.00 -18.75 3.28
CA LYS A 477 -22.84 -17.79 2.20
C LYS A 477 -23.31 -16.39 2.61
N THR A 478 -24.53 -16.28 3.15
CA THR A 478 -25.05 -14.96 3.53
C THR A 478 -24.19 -14.22 4.54
N SER A 479 -23.60 -14.96 5.49
CA SER A 479 -22.70 -14.42 6.51
C SER A 479 -21.42 -13.90 5.88
N ALA A 480 -20.94 -14.57 4.84
CA ALA A 480 -19.74 -14.12 4.16
C ALA A 480 -20.12 -12.81 3.53
N VAL A 481 -21.29 -12.76 2.89
CA VAL A 481 -21.77 -11.54 2.25
C VAL A 481 -21.88 -10.38 3.26
N GLN A 482 -22.40 -10.67 4.46
CA GLN A 482 -22.54 -9.64 5.48
C GLN A 482 -21.19 -9.13 6.01
N ARG A 483 -20.25 -10.06 6.20
CA ARG A 483 -18.93 -9.73 6.70
C ARG A 483 -18.06 -8.90 5.76
N MET A 484 -17.97 -9.29 4.49
CA MET A 484 -17.12 -8.58 3.53
C MET A 484 -17.45 -7.10 3.41
N GLY A 485 -16.45 -6.31 3.09
CA GLY A 485 -16.68 -4.90 2.93
C GLY A 485 -17.00 -4.58 1.49
N PHE A 486 -17.83 -3.56 1.27
CA PHE A 486 -18.12 -3.11 -0.07
C PHE A 486 -17.99 -1.59 -0.06
N GLY A 487 -16.85 -1.15 -0.58
CA GLY A 487 -16.51 0.26 -0.59
C GLY A 487 -17.16 1.15 -1.60
N ASN A 488 -16.60 2.34 -1.69
CA ASN A 488 -17.08 3.39 -2.56
C ASN A 488 -15.99 4.44 -2.81
N LEU A 489 -15.98 4.99 -4.01
CA LEU A 489 -15.10 6.05 -4.45
C LEU A 489 -15.74 6.68 -5.67
N ASN A 490 -15.60 8.00 -5.84
CA ASN A 490 -16.24 8.65 -7.00
C ASN A 490 -15.29 9.53 -7.80
N LYS A 491 -15.72 9.87 -9.02
CA LYS A 491 -14.90 10.68 -9.88
C LYS A 491 -15.74 11.80 -10.44
N VAL A 492 -15.10 12.94 -10.63
CA VAL A 492 -15.70 14.12 -11.19
C VAL A 492 -14.90 14.42 -12.45
N VAL A 493 -15.56 14.33 -13.60
CA VAL A 493 -14.92 14.59 -14.88
C VAL A 493 -15.14 16.03 -15.29
N LEU A 494 -14.03 16.76 -15.51
CA LEU A 494 -14.08 18.15 -15.90
C LEU A 494 -13.49 18.32 -17.31
N CYS A 495 -14.37 18.62 -18.26
CA CYS A 495 -13.98 18.81 -19.64
C CYS A 495 -13.78 20.29 -19.97
N PHE A 496 -12.55 20.65 -20.30
CA PHE A 496 -12.25 22.03 -20.62
C PHE A 496 -11.97 22.23 -22.10
N ASP A 497 -11.93 23.49 -22.52
CA ASP A 497 -11.68 23.84 -23.91
C ASP A 497 -10.21 24.24 -24.10
N ARG A 498 -9.45 24.22 -23.00
CA ARG A 498 -8.02 24.60 -22.99
C ARG A 498 -7.23 23.97 -21.81
N VAL A 499 -5.91 23.91 -21.95
CA VAL A 499 -5.04 23.34 -20.92
C VAL A 499 -4.40 24.46 -20.09
N PHE A 500 -4.86 24.61 -18.84
CA PHE A 500 -4.32 25.64 -17.94
C PHE A 500 -3.38 25.03 -16.90
N TRP A 501 -3.27 23.70 -16.90
CA TRP A 501 -2.42 22.99 -15.96
C TRP A 501 -1.11 22.55 -16.61
N ASP A 502 -0.23 21.98 -15.80
CA ASP A 502 1.06 21.49 -16.26
C ASP A 502 0.85 20.19 -17.04
N PRO A 503 1.16 20.23 -18.35
CA PRO A 503 0.84 19.09 -19.23
C PRO A 503 1.79 17.90 -19.01
N SER A 504 2.95 18.15 -18.42
CA SER A 504 3.92 17.09 -18.18
C SER A 504 3.64 16.38 -16.85
N VAL A 505 2.66 16.89 -16.13
CA VAL A 505 2.25 16.32 -14.84
C VAL A 505 0.96 15.51 -15.01
N ASN A 506 1.02 14.20 -14.74
CA ASN A 506 -0.16 13.33 -14.88
C ASN A 506 -1.16 13.45 -13.75
N LEU A 507 -0.68 13.83 -12.57
CA LEU A 507 -1.55 13.93 -11.42
C LEU A 507 -1.04 14.89 -10.37
N PHE A 508 -1.96 15.50 -9.63
CA PHE A 508 -1.59 16.44 -8.55
C PHE A 508 -2.61 16.39 -7.44
N GLY A 509 -2.18 16.71 -6.23
CA GLY A 509 -3.08 16.64 -5.10
C GLY A 509 -3.53 17.93 -4.48
N HIS A 510 -4.67 17.86 -3.80
CA HIS A 510 -5.23 19.00 -3.09
C HIS A 510 -5.30 18.54 -1.64
N VAL A 511 -4.61 19.24 -0.76
CA VAL A 511 -4.59 18.89 0.65
C VAL A 511 -5.74 19.59 1.36
N GLY A 512 -6.64 18.80 1.94
CA GLY A 512 -7.81 19.31 2.64
C GLY A 512 -7.47 20.05 3.92
N SER A 513 -8.42 20.80 4.45
CA SER A 513 -8.22 21.55 5.68
C SER A 513 -8.35 20.72 6.94
N THR A 514 -9.26 19.74 6.92
CA THR A 514 -9.51 18.89 8.07
C THR A 514 -9.42 17.41 7.70
N THR A 515 -9.31 16.57 8.73
CA THR A 515 -9.24 15.14 8.60
C THR A 515 -10.55 14.63 8.00
N ALA A 516 -11.66 15.14 8.52
CA ALA A 516 -13.00 14.78 8.07
C ALA A 516 -13.15 14.85 6.58
N SER A 517 -12.63 15.92 5.98
CA SER A 517 -12.73 16.11 4.55
C SER A 517 -11.49 15.73 3.73
N ARG A 518 -10.57 14.97 4.29
CA ARG A 518 -9.35 14.58 3.56
C ARG A 518 -9.58 13.96 2.17
N GLY A 519 -10.62 13.15 2.02
CA GLY A 519 -10.88 12.52 0.73
C GLY A 519 -11.63 13.35 -0.29
N GLU A 520 -12.08 14.55 0.10
CA GLU A 520 -12.84 15.41 -0.81
C GLU A 520 -12.02 16.08 -1.89
N LEU A 521 -12.12 15.56 -3.12
CA LEU A 521 -11.40 16.13 -4.26
C LEU A 521 -9.92 16.30 -3.93
N PHE A 522 -9.35 15.27 -3.32
CA PHE A 522 -7.96 15.30 -2.91
C PHE A 522 -6.96 15.08 -4.04
N LEU A 523 -7.40 14.49 -5.15
CA LEU A 523 -6.49 14.21 -6.26
C LEU A 523 -7.08 14.51 -7.63
N PHE A 524 -6.27 15.05 -8.52
CA PHE A 524 -6.70 15.41 -9.86
C PHE A 524 -5.86 14.71 -10.92
N TRP A 525 -6.51 14.11 -11.91
CA TRP A 525 -5.79 13.42 -12.99
C TRP A 525 -5.87 14.17 -14.32
N ASN A 526 -4.74 14.19 -15.02
CA ASN A 526 -4.61 14.80 -16.33
C ASN A 526 -4.28 13.59 -17.16
N LEU A 527 -5.24 13.02 -17.88
CA LEU A 527 -4.92 11.80 -18.60
C LEU A 527 -5.31 11.48 -20.04
N TYR A 528 -6.15 12.28 -20.67
CA TYR A 528 -6.55 11.84 -22.00
C TYR A 528 -6.09 12.74 -23.15
N LYS A 529 -6.52 12.39 -24.38
CA LYS A 529 -6.17 13.16 -25.58
C LYS A 529 -6.71 14.59 -25.46
N ALA A 530 -7.94 14.69 -24.99
CA ALA A 530 -8.62 15.97 -24.79
C ALA A 530 -8.16 16.65 -23.48
N PRO A 531 -8.34 17.99 -23.38
CA PRO A 531 -8.05 18.67 -22.11
C PRO A 531 -9.08 18.34 -21.04
N ILE A 532 -8.81 17.28 -20.28
CA ILE A 532 -9.71 16.84 -19.23
C ILE A 532 -8.99 16.66 -17.90
N LEU A 533 -9.67 17.02 -16.83
CA LEU A 533 -9.16 16.84 -15.48
C LEU A 533 -10.19 15.97 -14.76
N LEU A 534 -9.70 14.95 -14.07
CA LEU A 534 -10.54 14.03 -13.36
C LEU A 534 -10.28 14.19 -11.86
N ALA A 535 -11.31 14.52 -11.10
CA ALA A 535 -11.15 14.71 -9.64
C ALA A 535 -11.65 13.51 -8.85
N LEU A 536 -10.93 13.15 -7.80
CA LEU A 536 -11.28 11.93 -7.01
C LEU A 536 -11.94 12.28 -5.68
N VAL A 537 -12.95 11.52 -5.27
CA VAL A 537 -13.61 11.71 -3.99
C VAL A 537 -13.45 10.39 -3.26
N ALA A 538 -12.72 10.40 -2.15
CA ALA A 538 -12.48 9.16 -1.42
C ALA A 538 -12.86 9.16 0.05
N GLY A 539 -12.79 7.98 0.67
CA GLY A 539 -13.09 7.80 2.09
C GLY A 539 -14.46 8.25 2.50
N GLU A 540 -14.56 8.85 3.68
CA GLU A 540 -15.83 9.32 4.22
C GLU A 540 -16.52 10.33 3.30
N ALA A 541 -15.73 11.04 2.52
CA ALA A 541 -16.27 12.03 1.59
C ALA A 541 -17.08 11.36 0.46
N ALA A 542 -16.66 10.18 0.01
CA ALA A 542 -17.38 9.52 -1.09
C ALA A 542 -18.89 9.44 -0.85
N GLY A 543 -19.26 8.88 0.30
CA GLY A 543 -20.65 8.70 0.67
C GLY A 543 -21.44 9.95 0.82
N ILE A 544 -20.81 10.93 1.47
CA ILE A 544 -21.46 12.21 1.69
C ILE A 544 -21.65 13.00 0.40
N MET A 545 -20.62 13.09 -0.43
CA MET A 545 -20.73 13.87 -1.69
C MET A 545 -21.84 13.38 -2.59
N GLU A 546 -22.24 12.12 -2.44
CA GLU A 546 -23.30 11.60 -3.29
C GLU A 546 -24.61 12.39 -3.11
N ASN A 547 -24.77 12.97 -1.92
CA ASN A 547 -25.95 13.79 -1.61
C ASN A 547 -25.82 15.25 -1.99
N ILE A 548 -24.74 15.60 -2.68
CA ILE A 548 -24.51 16.96 -3.11
C ILE A 548 -24.69 17.03 -4.62
N SER A 549 -25.40 18.06 -5.08
CA SER A 549 -25.66 18.27 -6.50
C SER A 549 -24.36 18.46 -7.28
N ASP A 550 -24.40 18.14 -8.58
CA ASP A 550 -23.24 18.28 -9.46
C ASP A 550 -22.66 19.70 -9.43
N ASP A 551 -23.53 20.70 -9.54
CA ASP A 551 -23.10 22.11 -9.54
C ASP A 551 -22.27 22.51 -8.34
N VAL A 552 -22.69 22.07 -7.16
CA VAL A 552 -21.96 22.39 -5.95
C VAL A 552 -20.63 21.62 -5.96
N ILE A 553 -20.64 20.39 -6.47
CA ILE A 553 -19.40 19.60 -6.53
C ILE A 553 -18.41 20.25 -7.50
N VAL A 554 -18.88 20.55 -8.70
CA VAL A 554 -18.07 21.17 -9.74
C VAL A 554 -17.54 22.52 -9.24
N GLY A 555 -18.39 23.26 -8.52
CA GLY A 555 -18.02 24.57 -7.96
C GLY A 555 -16.81 24.43 -7.06
N ARG A 556 -16.84 23.43 -6.19
CA ARG A 556 -15.75 23.18 -5.27
C ARG A 556 -14.46 22.85 -6.05
N CYS A 557 -14.58 22.02 -7.08
CA CYS A 557 -13.45 21.64 -7.95
C CYS A 557 -12.80 22.87 -8.57
N LEU A 558 -13.63 23.72 -9.16
CA LEU A 558 -13.17 24.95 -9.79
C LEU A 558 -12.50 25.83 -8.75
N ALA A 559 -13.11 25.93 -7.57
CA ALA A 559 -12.54 26.76 -6.51
C ALA A 559 -11.14 26.28 -6.19
N ILE A 560 -10.97 24.96 -6.04
CA ILE A 560 -9.65 24.39 -5.74
C ILE A 560 -8.63 24.76 -6.82
N LEU A 561 -8.98 24.45 -8.07
CA LEU A 561 -8.11 24.74 -9.22
C LEU A 561 -7.76 26.22 -9.35
N LYS A 562 -8.73 27.10 -9.16
CA LYS A 562 -8.49 28.55 -9.24
C LYS A 562 -7.43 28.92 -8.20
N GLY A 563 -7.56 28.33 -7.02
CA GLY A 563 -6.62 28.56 -5.93
C GLY A 563 -5.21 28.14 -6.30
N ILE A 564 -5.08 27.11 -7.13
CA ILE A 564 -3.77 26.64 -7.53
C ILE A 564 -3.17 27.38 -8.74
N PHE A 565 -3.89 27.38 -9.86
CA PHE A 565 -3.41 27.98 -11.10
C PHE A 565 -3.74 29.46 -11.34
N GLY A 566 -4.55 30.05 -10.46
CA GLY A 566 -4.92 31.45 -10.60
C GLY A 566 -6.36 31.56 -11.04
N SER A 567 -7.08 32.55 -10.51
CA SER A 567 -8.53 32.69 -10.84
C SER A 567 -8.74 32.84 -12.35
N SER A 568 -8.08 33.80 -12.99
CA SER A 568 -8.32 34.07 -14.41
C SER A 568 -7.97 32.90 -15.34
N ALA A 569 -7.06 32.03 -14.91
CA ALA A 569 -6.63 30.89 -15.72
C ALA A 569 -7.65 29.76 -15.93
N VAL A 570 -8.51 29.54 -14.93
CA VAL A 570 -9.51 28.44 -14.97
C VAL A 570 -10.92 28.77 -15.50
N PRO A 571 -11.22 28.32 -16.73
CA PRO A 571 -12.49 28.63 -17.36
C PRO A 571 -13.58 27.70 -16.89
N GLN A 572 -14.82 27.98 -17.27
CA GLN A 572 -15.93 27.12 -16.91
C GLN A 572 -15.78 25.86 -17.74
N PRO A 573 -16.06 24.70 -17.14
CA PRO A 573 -15.97 23.45 -17.92
C PRO A 573 -17.06 23.38 -18.99
N LYS A 574 -16.73 22.78 -20.12
CA LYS A 574 -17.68 22.63 -21.22
C LYS A 574 -18.63 21.46 -20.95
N GLU A 575 -18.13 20.44 -20.26
CA GLU A 575 -18.91 19.25 -19.90
C GLU A 575 -18.43 18.69 -18.56
N THR A 576 -19.36 18.29 -17.71
CA THR A 576 -19.02 17.70 -16.42
C THR A 576 -19.88 16.48 -16.09
N VAL A 577 -19.24 15.43 -15.58
CA VAL A 577 -19.91 14.21 -15.19
C VAL A 577 -19.46 13.88 -13.79
N VAL A 578 -20.40 13.47 -12.95
CA VAL A 578 -20.10 13.10 -11.56
C VAL A 578 -20.64 11.71 -11.32
N SER A 579 -19.79 10.78 -10.89
CA SER A 579 -20.26 9.42 -10.63
C SER A 579 -20.83 9.33 -9.23
N ARG A 580 -21.74 8.37 -9.03
CA ARG A 580 -22.37 8.09 -7.74
C ARG A 580 -22.53 6.57 -7.63
N TRP A 581 -21.41 5.86 -7.44
CA TRP A 581 -21.45 4.41 -7.38
C TRP A 581 -22.33 3.81 -6.28
N ARG A 582 -22.38 4.44 -5.11
CA ARG A 582 -23.21 3.88 -4.03
C ARG A 582 -24.71 3.90 -4.39
N ALA A 583 -25.16 4.98 -5.01
CA ALA A 583 -26.57 5.12 -5.40
C ALA A 583 -26.95 4.28 -6.61
N ASP A 584 -25.95 3.83 -7.36
CA ASP A 584 -26.21 3.05 -8.54
C ASP A 584 -26.83 1.71 -8.13
N PRO A 585 -28.10 1.47 -8.51
CA PRO A 585 -28.78 0.24 -8.06
C PRO A 585 -28.16 -1.03 -8.60
N TRP A 586 -27.35 -0.92 -9.65
CA TRP A 586 -26.72 -2.09 -10.25
C TRP A 586 -25.32 -2.33 -9.71
N ALA A 587 -24.84 -1.46 -8.83
CA ALA A 587 -23.51 -1.62 -8.25
C ALA A 587 -23.57 -1.53 -6.74
N ARG A 588 -24.16 -0.43 -6.25
CA ARG A 588 -24.28 -0.18 -4.80
C ARG A 588 -22.93 -0.02 -4.12
N GLY A 589 -21.97 0.53 -4.85
CA GLY A 589 -20.64 0.74 -4.33
C GLY A 589 -19.64 0.58 -5.45
N SER A 590 -18.36 0.65 -5.14
CA SER A 590 -17.37 0.55 -6.20
C SER A 590 -16.70 -0.81 -6.25
N TYR A 591 -16.13 -1.25 -5.13
CA TYR A 591 -15.48 -2.54 -5.04
C TYR A 591 -15.28 -3.05 -3.60
N SER A 592 -15.06 -4.35 -3.46
CA SER A 592 -14.91 -4.94 -2.13
C SER A 592 -13.61 -4.54 -1.45
N TYR A 593 -13.59 -4.76 -0.13
CA TYR A 593 -12.40 -4.50 0.69
C TYR A 593 -12.45 -5.47 1.85
N VAL A 594 -11.31 -5.75 2.46
CA VAL A 594 -11.30 -6.68 3.57
C VAL A 594 -11.65 -5.92 4.82
N ALA A 595 -12.91 -6.03 5.20
CA ALA A 595 -13.41 -5.36 6.38
C ALA A 595 -12.89 -5.98 7.66
N ALA A 596 -12.85 -5.17 8.72
CA ALA A 596 -12.44 -5.63 10.02
C ALA A 596 -13.49 -6.69 10.39
N GLY A 597 -13.05 -7.89 10.73
CA GLY A 597 -13.97 -8.97 11.09
C GLY A 597 -14.07 -9.97 9.96
N SER A 598 -13.49 -9.63 8.83
CA SER A 598 -13.50 -10.48 7.66
C SER A 598 -12.08 -11.00 7.45
N SER A 599 -11.83 -11.66 6.32
CA SER A 599 -10.53 -12.21 5.99
C SER A 599 -10.60 -12.75 4.56
N GLY A 600 -9.46 -13.13 4.01
CA GLY A 600 -9.44 -13.67 2.65
C GLY A 600 -10.29 -14.92 2.52
N ASN A 601 -10.57 -15.61 3.63
CA ASN A 601 -11.38 -16.81 3.54
C ASN A 601 -12.80 -16.54 3.05
N ASP A 602 -13.32 -15.33 3.31
CA ASP A 602 -14.65 -14.96 2.87
C ASP A 602 -14.73 -14.87 1.35
N TYR A 603 -13.62 -14.56 0.70
CA TYR A 603 -13.61 -14.50 -0.76
C TYR A 603 -13.78 -15.92 -1.30
N ASP A 604 -13.22 -16.91 -0.59
CA ASP A 604 -13.34 -18.30 -0.97
C ASP A 604 -14.79 -18.72 -0.80
N LEU A 605 -15.39 -18.34 0.32
CA LEU A 605 -16.77 -18.66 0.56
C LEU A 605 -17.64 -18.04 -0.53
N MET A 606 -17.35 -16.80 -0.92
CA MET A 606 -18.16 -16.19 -1.98
C MET A 606 -18.09 -17.01 -3.26
N ALA A 607 -16.93 -17.63 -3.50
CA ALA A 607 -16.73 -18.44 -4.68
C ALA A 607 -17.39 -19.84 -4.71
N GLN A 608 -17.71 -20.43 -3.58
CA GLN A 608 -18.30 -21.78 -3.59
C GLN A 608 -19.71 -21.91 -4.19
N PRO A 609 -19.85 -22.76 -5.21
CA PRO A 609 -21.15 -22.98 -5.82
C PRO A 609 -22.14 -23.55 -4.81
N ILE A 610 -23.43 -23.40 -5.09
CA ILE A 610 -24.50 -23.91 -4.24
C ILE A 610 -25.12 -25.14 -4.91
N THR A 611 -25.42 -26.16 -4.11
CA THR A 611 -26.01 -27.39 -4.58
C THR A 611 -27.37 -27.52 -3.92
N PRO A 612 -28.46 -27.50 -4.71
CA PRO A 612 -29.80 -27.61 -4.12
C PRO A 612 -30.02 -28.99 -3.53
N GLY A 613 -31.00 -29.12 -2.64
CA GLY A 613 -31.32 -30.41 -2.04
C GLY A 613 -32.14 -31.21 -3.06
N PRO A 614 -32.37 -32.51 -2.81
CA PRO A 614 -33.16 -33.27 -3.78
C PRO A 614 -34.61 -32.85 -3.78
N SER A 615 -35.31 -33.08 -4.90
CA SER A 615 -36.74 -32.76 -5.02
C SER A 615 -37.50 -33.88 -4.36
N ILE A 616 -37.01 -35.10 -4.57
CA ILE A 616 -37.65 -36.29 -4.02
C ILE A 616 -36.86 -36.75 -2.80
N PRO A 617 -37.53 -36.91 -1.65
CA PRO A 617 -36.95 -37.61 -0.49
C PRO A 617 -36.24 -38.91 -0.87
N GLY A 618 -34.98 -39.04 -0.45
CA GLY A 618 -34.18 -40.23 -0.72
C GLY A 618 -33.48 -40.27 -2.07
N ALA A 619 -33.59 -39.20 -2.85
CA ALA A 619 -32.97 -39.15 -4.15
C ALA A 619 -31.54 -38.66 -4.00
N PRO A 620 -30.60 -39.23 -4.78
CA PRO A 620 -29.19 -38.91 -4.67
C PRO A 620 -28.88 -37.42 -4.79
N GLN A 621 -27.75 -37.08 -4.15
CA GLN A 621 -27.17 -35.74 -4.06
C GLN A 621 -27.00 -35.02 -5.43
N PRO A 622 -27.78 -33.96 -5.65
CA PRO A 622 -27.62 -33.28 -6.96
C PRO A 622 -26.23 -32.73 -7.31
N ILE A 623 -26.22 -32.18 -8.52
CA ILE A 623 -25.18 -31.52 -9.24
C ILE A 623 -25.22 -30.11 -8.63
N PRO A 624 -24.10 -29.36 -8.64
CA PRO A 624 -24.21 -27.95 -8.23
C PRO A 624 -24.94 -27.18 -9.31
N ARG A 625 -25.75 -26.20 -8.92
CA ARG A 625 -26.52 -25.44 -9.90
C ARG A 625 -26.27 -23.94 -9.96
N LEU A 626 -25.89 -23.34 -8.83
CA LEU A 626 -25.68 -21.90 -8.73
C LEU A 626 -24.22 -21.57 -8.48
N PHE A 627 -23.63 -20.83 -9.40
CA PHE A 627 -22.22 -20.50 -9.34
C PHE A 627 -22.01 -19.02 -9.16
N PHE A 628 -20.83 -18.64 -8.66
CA PHE A 628 -20.54 -17.22 -8.43
C PHE A 628 -19.20 -16.78 -8.96
N ALA A 629 -19.23 -15.63 -9.60
CA ALA A 629 -18.02 -15.04 -10.13
C ALA A 629 -18.13 -13.57 -9.78
N GLY A 630 -17.07 -12.84 -10.09
CA GLY A 630 -17.02 -11.44 -9.77
C GLY A 630 -15.82 -11.17 -8.90
N GLU A 631 -15.37 -9.92 -8.95
CA GLU A 631 -14.15 -9.52 -8.19
C GLU A 631 -14.29 -9.96 -6.73
N HIS A 632 -15.49 -9.86 -6.16
CA HIS A 632 -15.58 -10.21 -4.74
C HIS A 632 -15.44 -11.72 -4.48
N THR A 633 -15.11 -12.50 -5.51
CA THR A 633 -15.00 -13.96 -5.36
C THR A 633 -13.59 -14.52 -5.62
N ILE A 634 -12.60 -13.64 -5.74
CA ILE A 634 -11.25 -14.07 -6.02
C ILE A 634 -10.28 -13.48 -4.97
N ARG A 635 -9.92 -14.35 -4.04
CA ARG A 635 -9.07 -14.05 -2.92
C ARG A 635 -7.75 -13.34 -3.24
N ASN A 636 -7.07 -13.76 -4.30
CA ASN A 636 -5.77 -13.13 -4.62
C ASN A 636 -5.77 -11.84 -5.39
N TYR A 637 -6.87 -11.55 -6.09
CA TYR A 637 -6.95 -10.35 -6.92
C TYR A 637 -8.29 -9.62 -6.82
N PRO A 638 -8.78 -9.41 -5.60
CA PRO A 638 -10.12 -8.83 -5.50
C PRO A 638 -10.11 -7.37 -5.90
N ALA A 639 -11.31 -6.81 -6.12
CA ALA A 639 -11.48 -5.40 -6.44
C ALA A 639 -10.74 -4.89 -7.66
N THR A 640 -10.60 -5.71 -8.68
CA THR A 640 -9.89 -5.27 -9.88
C THR A 640 -10.52 -5.83 -11.14
N VAL A 641 -10.06 -5.37 -12.30
CA VAL A 641 -10.59 -5.89 -13.54
C VAL A 641 -10.01 -7.26 -13.80
N HIS A 642 -8.70 -7.43 -13.63
CA HIS A 642 -8.09 -8.74 -13.86
C HIS A 642 -8.69 -9.80 -12.93
N GLY A 643 -9.03 -9.40 -11.71
CA GLY A 643 -9.63 -10.29 -10.73
C GLY A 643 -10.98 -10.76 -11.25
N ALA A 644 -11.79 -9.81 -11.74
CA ALA A 644 -13.09 -10.19 -12.33
C ALA A 644 -12.83 -11.05 -13.57
N LEU A 645 -11.87 -10.66 -14.39
CA LEU A 645 -11.52 -11.42 -15.61
C LEU A 645 -11.19 -12.87 -15.22
N LEU A 646 -10.38 -13.04 -14.17
CA LEU A 646 -9.95 -14.40 -13.75
C LEU A 646 -11.15 -15.17 -13.18
N SER A 647 -11.94 -14.53 -12.30
CA SER A 647 -13.05 -15.25 -11.66
C SER A 647 -13.97 -15.87 -12.70
N GLY A 648 -14.21 -15.18 -13.82
CA GLY A 648 -15.06 -15.71 -14.87
C GLY A 648 -14.41 -16.94 -15.52
N LEU A 649 -13.11 -16.85 -15.76
CA LEU A 649 -12.38 -17.97 -16.36
C LEU A 649 -12.49 -19.18 -15.46
N ARG A 650 -12.38 -18.95 -14.15
CA ARG A 650 -12.46 -20.03 -13.17
C ARG A 650 -13.83 -20.70 -13.21
N GLU A 651 -14.91 -19.93 -13.06
CA GLU A 651 -16.22 -20.55 -13.07
C GLU A 651 -16.54 -21.22 -14.40
N ALA A 652 -16.09 -20.68 -15.52
CA ALA A 652 -16.38 -21.31 -16.80
C ALA A 652 -15.77 -22.71 -16.78
N GLY A 653 -14.55 -22.83 -16.27
CA GLY A 653 -13.89 -24.14 -16.19
C GLY A 653 -14.61 -25.09 -15.26
N ARG A 654 -15.11 -24.57 -14.14
CA ARG A 654 -15.78 -25.44 -13.19
C ARG A 654 -17.14 -25.92 -13.72
N ILE A 655 -17.87 -25.01 -14.39
CA ILE A 655 -19.15 -25.35 -14.98
C ILE A 655 -18.95 -26.39 -16.08
N ALA A 656 -18.02 -26.12 -16.98
CA ALA A 656 -17.76 -27.06 -18.06
C ALA A 656 -17.35 -28.42 -17.53
N ASP A 657 -16.57 -28.45 -16.44
CA ASP A 657 -16.12 -29.72 -15.85
C ASP A 657 -17.32 -30.49 -15.31
N GLN A 658 -18.23 -29.75 -14.70
CA GLN A 658 -19.42 -30.32 -14.12
C GLN A 658 -20.38 -30.88 -15.15
N PHE A 659 -20.69 -30.10 -16.18
CA PHE A 659 -21.66 -30.48 -17.21
C PHE A 659 -21.17 -31.09 -18.51
N LEU A 660 -19.89 -30.94 -18.84
CA LEU A 660 -19.37 -31.53 -20.08
C LEU A 660 -18.44 -32.69 -19.76
N GLY A 661 -17.99 -32.75 -18.53
CA GLY A 661 -17.07 -33.77 -18.07
C GLY A 661 -15.66 -33.36 -18.41
N ALA A 662 -14.70 -33.99 -17.73
CA ALA A 662 -13.29 -33.72 -17.93
C ALA A 662 -12.60 -34.97 -18.47
N MET A 663 -11.90 -34.85 -19.59
CA MET A 663 -11.23 -36.04 -20.14
C MET A 663 -9.72 -36.03 -19.84
N TYR A 664 -9.25 -34.90 -19.31
CA TYR A 664 -7.83 -34.67 -18.94
C TYR A 664 -7.45 -35.11 -17.50
N THR A 665 -8.48 -35.32 -16.67
CA THR A 665 -8.31 -35.74 -15.27
C THR A 665 -8.02 -37.24 -15.10
N LEU A 666 -8.47 -38.06 -16.07
CA LEU A 666 -8.26 -39.51 -16.04
C LEU A 666 -6.79 -39.91 -16.24
N ARG B 1 10.26 -8.13 14.07
CA ARG B 1 10.79 -8.20 15.47
C ARG B 1 10.82 -6.84 16.16
N LYS B 2 11.05 -5.77 15.40
CA LYS B 2 11.13 -4.42 15.98
C LYS B 2 10.29 -3.35 15.26
N PRO B 3 9.85 -2.32 16.01
CA PRO B 3 9.23 -1.15 15.42
C PRO B 3 10.24 -0.45 14.49
N PRO B 4 9.77 0.39 13.56
CA PRO B 4 10.72 1.21 12.82
C PRO B 4 11.58 2.05 13.77
N LYS B 5 12.80 2.34 13.37
CA LYS B 5 13.73 3.13 14.19
C LYS B 5 13.14 4.50 14.53
N GLY B 6 13.12 4.81 15.82
CA GLY B 6 12.57 6.10 16.24
C GLY B 6 11.11 6.04 16.65
N MET B 7 10.42 4.97 16.25
CA MET B 7 9.01 4.77 16.58
C MET B 7 8.96 4.02 17.92
N PHE B 8 8.09 4.45 18.82
CA PHE B 8 7.99 3.82 20.13
C PHE B 8 6.63 3.20 20.38
N LEU B 9 6.62 1.90 20.68
CA LEU B 9 5.39 1.16 20.90
C LEU B 9 5.58 -0.01 21.85
N SER B 10 5.22 0.18 23.11
CA SER B 10 5.35 -0.90 24.07
C SER B 10 3.99 -1.48 24.38
N GLN B 11 3.98 -2.76 24.76
CA GLN B 11 2.74 -3.42 25.12
C GLN B 11 2.07 -2.55 26.21
N GLU B 12 2.85 -2.20 27.22
CA GLU B 12 2.42 -1.38 28.34
C GLU B 12 1.74 -0.06 27.94
N ASP B 13 2.31 0.63 26.96
CA ASP B 13 1.77 1.92 26.52
C ASP B 13 0.48 1.79 25.69
N VAL B 14 0.42 0.75 24.85
CA VAL B 14 -0.75 0.52 24.02
C VAL B 14 -1.97 0.29 24.91
N GLU B 15 -1.78 -0.56 25.92
CA GLU B 15 -2.83 -0.86 26.88
C GLU B 15 -3.36 0.40 27.54
N ALA B 16 -2.44 1.29 27.93
CA ALA B 16 -2.79 2.55 28.58
C ALA B 16 -3.59 3.49 27.67
N VAL B 17 -3.17 3.62 26.43
CA VAL B 17 -3.85 4.50 25.48
C VAL B 17 -5.21 3.96 24.98
N SER B 18 -5.40 2.64 25.07
CA SER B 18 -6.65 2.01 24.62
C SER B 18 -7.56 1.47 25.74
N ALA B 19 -7.25 1.80 26.99
CA ALA B 19 -8.03 1.35 28.15
C ALA B 19 -9.50 1.78 28.08
N ASN B 20 -9.74 2.94 27.48
CA ASN B 20 -11.09 3.50 27.29
C ASN B 20 -11.10 4.52 26.15
N ALA B 21 -12.29 5.02 25.83
CA ALA B 21 -12.48 5.98 24.74
C ALA B 21 -11.66 7.26 24.83
N THR B 22 -11.39 7.72 26.05
CA THR B 22 -10.62 8.95 26.28
C THR B 22 -9.36 8.72 27.10
N ALA B 23 -8.85 7.49 27.07
CA ALA B 23 -7.63 7.14 27.82
C ALA B 23 -6.43 7.90 27.30
N ALA B 24 -6.33 8.02 25.98
CA ALA B 24 -5.23 8.74 25.34
C ALA B 24 -5.17 10.21 25.77
N THR B 25 -6.30 10.90 25.67
CA THR B 25 -6.42 12.30 26.05
C THR B 25 -5.97 12.49 27.50
N THR B 26 -6.36 11.57 28.36
CA THR B 26 -5.99 11.62 29.77
C THR B 26 -4.47 11.46 29.93
N VAL B 27 -3.90 10.47 29.24
CA VAL B 27 -2.46 10.24 29.32
C VAL B 27 -1.67 11.47 28.89
N LEU B 28 -2.04 12.02 27.74
CA LEU B 28 -1.37 13.21 27.19
C LEU B 28 -1.54 14.49 28.01
N ARG B 29 -2.68 14.66 28.68
CA ARG B 29 -2.91 15.85 29.51
C ARG B 29 -2.12 15.73 30.79
N GLN B 30 -2.11 14.52 31.37
CA GLN B 30 -1.35 14.31 32.60
C GLN B 30 0.15 14.55 32.38
N LEU B 31 0.58 14.43 31.13
CA LEU B 31 1.96 14.68 30.76
C LEU B 31 2.17 16.16 30.51
N ASP B 32 1.15 16.83 29.97
CA ASP B 32 1.23 18.27 29.69
C ASP B 32 1.38 18.98 31.03
N MET B 33 0.66 18.46 32.03
CA MET B 33 0.67 19.01 33.37
C MET B 33 1.99 18.76 34.09
N GLU B 34 2.56 17.56 33.93
CA GLU B 34 3.84 17.24 34.57
C GLU B 34 4.89 18.22 34.02
N LEU B 35 4.75 18.53 32.74
CA LEU B 35 5.65 19.45 32.05
C LEU B 35 5.62 20.87 32.61
N VAL B 36 4.41 21.40 32.83
CA VAL B 36 4.23 22.75 33.38
C VAL B 36 4.78 22.77 34.81
N SER B 37 4.50 21.69 35.53
CA SER B 37 4.93 21.48 36.90
C SER B 37 6.45 21.49 37.03
N VAL B 38 7.15 20.97 36.01
CA VAL B 38 8.60 20.93 36.01
C VAL B 38 9.18 22.28 35.56
N LYS B 39 8.50 22.94 34.62
CA LYS B 39 8.97 24.23 34.12
C LYS B 39 8.90 25.31 35.19
N ARG B 40 7.81 25.36 35.96
CA ARG B 40 7.71 26.36 37.01
C ARG B 40 8.73 26.06 38.12
N GLN B 41 9.05 24.78 38.29
CA GLN B 41 10.03 24.32 39.25
C GLN B 41 11.40 24.85 38.81
N ILE B 42 11.60 24.96 37.50
CA ILE B 42 12.86 25.45 36.97
C ILE B 42 13.02 26.95 37.21
N GLN B 43 11.99 27.72 36.86
CA GLN B 43 12.01 29.17 37.04
C GLN B 43 12.24 29.54 38.49
N ASN B 44 11.67 28.74 39.38
CA ASN B 44 11.79 28.91 40.82
C ASN B 44 13.23 28.79 41.27
N ILE B 45 13.89 27.72 40.87
CA ILE B 45 15.28 27.46 41.24
C ILE B 45 16.20 28.49 40.59
N LYS B 46 15.89 28.86 39.34
CA LYS B 46 16.65 29.85 38.59
C LYS B 46 16.69 31.16 39.38
N GLN B 47 15.52 31.53 39.89
CA GLN B 47 15.31 32.74 40.68
C GLN B 47 16.14 32.73 41.98
N THR B 48 16.17 31.56 42.62
CA THR B 48 16.90 31.33 43.85
C THR B 48 18.41 31.37 43.59
N ASN B 49 18.84 30.71 42.53
CA ASN B 49 20.25 30.68 42.16
C ASN B 49 20.76 32.08 41.82
N SER B 50 19.90 32.87 41.17
CA SER B 50 20.22 34.23 40.78
C SER B 50 20.53 35.09 42.00
N ALA B 51 19.78 34.86 43.08
CA ALA B 51 19.96 35.57 44.32
C ALA B 51 21.26 35.12 44.99
N LEU B 52 21.52 33.82 45.02
CA LEU B 52 22.75 33.30 45.62
C LEU B 52 24.00 33.82 44.91
N LYS B 53 23.91 33.95 43.58
CA LYS B 53 25.01 34.47 42.78
C LYS B 53 25.28 35.95 43.13
N GLU B 54 24.20 36.68 43.40
CA GLU B 54 24.27 38.09 43.76
C GLU B 54 24.99 38.31 45.08
N LYS B 55 25.01 37.28 45.93
CA LYS B 55 25.70 37.34 47.22
C LYS B 55 27.18 37.06 47.06
N LEU B 56 27.55 36.34 46.01
CA LEU B 56 28.95 36.04 45.77
C LEU B 56 29.61 37.10 44.90
N ASP B 57 28.87 38.17 44.62
CA ASP B 57 29.40 39.27 43.81
C ASP B 57 30.66 39.82 44.45
N GLY B 58 31.76 39.75 43.70
CA GLY B 58 33.05 40.22 44.16
C GLY B 58 33.95 39.05 44.52
N GLY B 59 33.34 37.86 44.59
CA GLY B 59 34.07 36.64 44.94
C GLY B 59 34.74 36.78 46.29
N ILE B 60 35.95 36.23 46.40
CA ILE B 60 36.71 36.31 47.64
C ILE B 60 38.00 37.12 47.44
N GLU B 61 37.98 38.06 46.50
CA GLU B 61 39.15 38.89 46.20
C GLU B 61 39.68 39.74 47.35
N PRO B 62 38.79 40.47 48.06
CA PRO B 62 39.30 41.34 49.11
C PRO B 62 39.80 40.56 50.32
N TYR B 63 39.55 39.26 50.35
CA TYR B 63 39.95 38.41 51.45
C TYR B 63 41.18 37.53 51.20
N ARG B 64 41.82 37.71 50.06
CA ARG B 64 43.00 36.91 49.76
C ARG B 64 44.27 37.55 50.31
N LEU B 65 45.16 36.69 50.79
CA LEU B 65 46.43 37.13 51.36
C LEU B 65 47.59 36.72 50.46
N PRO B 66 48.54 37.64 50.24
CA PRO B 66 49.81 37.33 49.58
C PRO B 66 50.43 36.04 50.12
N GLU B 67 51.27 35.39 49.31
CA GLU B 67 51.92 34.16 49.73
C GLU B 67 53.28 34.40 50.40
N VAL B 68 53.52 33.69 51.51
CA VAL B 68 54.77 33.82 52.27
C VAL B 68 55.79 32.84 51.69
N ILE B 69 56.40 33.24 50.57
CA ILE B 69 57.39 32.43 49.86
C ILE B 69 58.76 32.44 50.55
N SER C 1 31.16 2.20 -25.95
CA SER C 1 32.17 1.61 -26.86
C SER C 1 32.19 0.08 -26.70
N ALA C 2 32.81 -0.63 -27.64
CA ALA C 2 32.92 -2.10 -27.53
C ALA C 2 33.73 -2.44 -26.27
N HIS C 3 34.88 -1.79 -26.10
CA HIS C 3 35.71 -2.02 -24.88
C HIS C 3 34.87 -1.75 -23.63
N LYS C 4 33.72 -1.09 -23.79
CA LYS C 4 32.91 -0.73 -22.64
C LYS C 4 31.81 -1.76 -22.41
N LEU C 5 31.52 -1.99 -21.13
CA LEU C 5 30.48 -2.92 -20.69
C LEU C 5 29.49 -2.22 -19.77
N PHE C 6 28.28 -2.77 -19.78
CA PHE C 6 27.20 -2.46 -18.84
C PHE C 6 26.83 -3.77 -18.14
N ILE C 7 26.98 -3.78 -16.82
CA ILE C 7 26.77 -4.96 -15.99
C ILE C 7 25.59 -4.70 -15.05
N GLY C 8 24.68 -5.66 -14.94
CA GLY C 8 23.66 -5.62 -13.92
C GLY C 8 23.54 -6.93 -13.18
N GLY C 9 22.90 -6.85 -12.02
CA GLY C 9 22.67 -8.02 -11.19
C GLY C 9 23.69 -8.25 -10.11
N LEU C 10 24.61 -7.31 -9.85
CA LEU C 10 25.57 -7.51 -8.78
C LEU C 10 24.88 -7.50 -7.42
N PRO C 11 25.27 -8.37 -6.50
CA PRO C 11 24.80 -8.23 -5.12
C PRO C 11 25.06 -6.82 -4.61
N ASN C 12 24.03 -6.23 -3.99
CA ASN C 12 24.10 -4.80 -3.67
C ASN C 12 25.08 -4.49 -2.54
N TYR C 13 25.49 -5.48 -1.76
CA TYR C 13 26.43 -5.19 -0.68
C TYR C 13 27.88 -5.15 -1.13
N LEU C 14 28.20 -5.63 -2.33
CA LEU C 14 29.58 -5.53 -2.80
C LEU C 14 29.94 -4.07 -3.02
N ASN C 15 31.17 -3.72 -2.63
CA ASN C 15 31.65 -2.34 -2.75
C ASN C 15 32.49 -2.17 -4.01
N ASP C 16 32.95 -0.93 -4.26
CA ASP C 16 33.69 -0.62 -5.48
C ASP C 16 34.92 -1.50 -5.61
N ASP C 17 35.69 -1.64 -4.54
CA ASP C 17 36.94 -2.38 -4.63
C ASP C 17 36.67 -3.84 -4.96
N GLN C 18 35.62 -4.41 -4.38
CA GLN C 18 35.30 -5.80 -4.62
C GLN C 18 34.82 -6.03 -6.04
N VAL C 19 33.96 -5.15 -6.55
CA VAL C 19 33.54 -5.31 -7.93
C VAL C 19 34.72 -5.11 -8.88
N LYS C 20 35.55 -4.11 -8.60
CA LYS C 20 36.72 -3.85 -9.43
C LYS C 20 37.66 -5.04 -9.46
N GLU C 21 37.83 -5.73 -8.33
CA GLU C 21 38.70 -6.89 -8.29
C GLU C 21 38.19 -7.99 -9.20
N LEU C 22 36.87 -8.25 -9.17
CA LEU C 22 36.31 -9.24 -10.09
C LEU C 22 36.55 -8.84 -11.54
N LEU C 23 36.33 -7.58 -11.87
CA LEU C 23 36.50 -7.16 -13.24
C LEU C 23 37.96 -7.21 -13.68
N THR C 24 38.89 -6.78 -12.82
CA THR C 24 40.30 -6.75 -13.23
C THR C 24 40.90 -8.13 -13.28
N SER C 25 40.21 -9.16 -12.77
CA SER C 25 40.70 -10.52 -12.97
C SER C 25 40.77 -10.89 -14.44
N PHE C 26 40.00 -10.23 -15.31
CA PHE C 26 40.06 -10.45 -16.75
C PHE C 26 41.20 -9.69 -17.41
N GLY C 27 41.53 -8.51 -16.92
CA GLY C 27 42.58 -7.67 -17.47
C GLY C 27 42.36 -6.24 -17.02
N PRO C 28 43.27 -5.34 -17.44
CA PRO C 28 43.26 -3.99 -16.87
C PRO C 28 42.10 -3.15 -17.33
N LEU C 29 41.62 -2.31 -16.41
CA LEU C 29 40.56 -1.35 -16.65
C LEU C 29 41.10 0.04 -16.91
N LYS C 30 40.41 0.75 -17.78
CA LYS C 30 40.61 2.16 -18.02
C LYS C 30 39.60 3.03 -17.29
N ALA C 31 38.39 2.52 -17.03
CA ALA C 31 37.34 3.29 -16.38
C ALA C 31 36.43 2.32 -15.64
N PHE C 32 35.79 2.81 -14.59
CA PHE C 32 34.90 1.99 -13.78
C PHE C 32 34.02 2.87 -12.92
N ASN C 33 32.75 2.49 -12.78
CA ASN C 33 31.93 3.01 -11.69
C ASN C 33 30.86 2.01 -11.30
N LEU C 34 30.55 2.01 -10.01
CA LEU C 34 29.49 1.20 -9.44
C LEU C 34 28.33 2.15 -9.13
N VAL C 35 27.17 1.88 -9.72
CA VAL C 35 26.02 2.80 -9.65
C VAL C 35 25.45 2.79 -8.24
N LYS C 36 25.23 3.97 -7.68
CA LYS C 36 24.70 4.12 -6.33
C LYS C 36 23.52 5.07 -6.33
N ASP C 37 22.60 4.84 -5.39
CA ASP C 37 21.56 5.80 -5.10
C ASP C 37 22.20 7.05 -4.51
N SER C 38 21.88 8.21 -5.07
CA SER C 38 22.53 9.45 -4.64
C SER C 38 22.16 9.85 -3.22
N ALA C 39 21.01 9.45 -2.72
CA ALA C 39 20.53 9.86 -1.40
C ALA C 39 20.93 8.87 -0.31
N THR C 40 20.89 7.57 -0.59
CA THR C 40 21.22 6.57 0.41
C THR C 40 22.64 6.07 0.30
N GLY C 41 23.28 6.28 -0.84
CA GLY C 41 24.61 5.78 -1.08
C GLY C 41 24.68 4.30 -1.39
N LEU C 42 23.57 3.59 -1.40
CA LEU C 42 23.61 2.15 -1.58
C LEU C 42 23.73 1.79 -3.05
N SER C 43 24.44 0.69 -3.30
CA SER C 43 24.63 0.20 -4.65
C SER C 43 23.31 -0.28 -5.25
N LYS C 44 23.12 0.04 -6.54
CA LYS C 44 22.02 -0.48 -7.33
C LYS C 44 22.36 -1.77 -8.06
N GLY C 45 23.58 -2.28 -7.91
CA GLY C 45 23.95 -3.53 -8.53
C GLY C 45 24.30 -3.43 -9.99
N TYR C 46 24.41 -2.23 -10.51
CA TYR C 46 24.85 -1.99 -11.87
C TYR C 46 26.26 -1.42 -11.84
N ALA C 47 27.06 -1.77 -12.84
CA ALA C 47 28.38 -1.20 -12.99
C ALA C 47 28.65 -0.94 -14.47
N PHE C 48 29.44 0.07 -14.71
CA PHE C 48 29.92 0.39 -16.05
C PHE C 48 31.44 0.33 -16.02
N CYS C 49 32.05 -0.24 -17.04
CA CYS C 49 33.51 -0.28 -17.06
C CYS C 49 34.03 -0.25 -18.48
N GLU C 50 35.31 0.05 -18.60
CA GLU C 50 36.00 0.09 -19.88
C GLU C 50 37.34 -0.61 -19.70
N TYR C 51 37.58 -1.66 -20.49
CA TYR C 51 38.85 -2.34 -20.47
C TYR C 51 39.83 -1.67 -21.41
N VAL C 52 41.11 -1.76 -21.06
CA VAL C 52 42.17 -1.26 -21.93
C VAL C 52 42.18 -2.01 -23.27
N ASP C 53 42.02 -3.33 -23.23
CA ASP C 53 42.27 -4.21 -24.37
C ASP C 53 40.96 -4.79 -24.90
N ILE C 54 40.78 -4.78 -26.21
CA ILE C 54 39.56 -5.31 -26.81
C ILE C 54 39.41 -6.81 -26.56
N ASN C 55 40.51 -7.57 -26.62
CA ASN C 55 40.39 -9.00 -26.41
C ASN C 55 39.91 -9.30 -25.01
N VAL C 56 40.39 -8.53 -24.03
CA VAL C 56 39.94 -8.68 -22.65
C VAL C 56 38.45 -8.35 -22.55
N THR C 57 38.02 -7.27 -23.20
CA THR C 57 36.59 -6.93 -23.19
C THR C 57 35.76 -8.11 -23.65
N ASP C 58 36.17 -8.73 -24.76
CA ASP C 58 35.41 -9.85 -25.32
C ASP C 58 35.35 -11.02 -24.35
N GLN C 59 36.47 -11.32 -23.69
CA GLN C 59 36.52 -12.42 -22.73
C GLN C 59 35.76 -12.10 -21.46
N ALA C 60 35.73 -10.82 -21.06
CA ALA C 60 35.03 -10.41 -19.86
C ALA C 60 33.53 -10.50 -20.04
N ILE C 61 33.00 -9.98 -21.15
CA ILE C 61 31.58 -10.17 -21.45
C ILE C 61 31.25 -11.65 -21.36
N ALA C 62 31.99 -12.47 -22.10
CA ALA C 62 31.67 -13.89 -22.17
C ALA C 62 31.74 -14.55 -20.80
N GLY C 63 32.69 -14.16 -19.98
CA GLY C 63 32.88 -14.80 -18.71
C GLY C 63 31.91 -14.34 -17.63
N LEU C 64 31.57 -13.04 -17.65
CA LEU C 64 30.71 -12.45 -16.64
C LEU C 64 29.24 -12.68 -16.93
N ASN C 65 28.86 -12.69 -18.21
CA ASN C 65 27.46 -12.85 -18.53
C ASN C 65 26.97 -14.20 -18.02
N GLY C 66 25.91 -14.18 -17.21
CA GLY C 66 25.37 -15.39 -16.63
C GLY C 66 26.09 -15.90 -15.40
N MET C 67 27.11 -15.20 -14.92
CA MET C 67 27.81 -15.62 -13.73
C MET C 67 26.89 -15.53 -12.52
N GLN C 68 26.93 -16.56 -11.67
CA GLN C 68 26.07 -16.66 -10.50
C GLN C 68 26.84 -16.21 -9.27
N LEU C 69 26.30 -15.23 -8.55
CA LEU C 69 26.89 -14.68 -7.35
C LEU C 69 25.86 -14.86 -6.23
N GLY C 70 25.83 -16.03 -5.61
CA GLY C 70 24.78 -16.33 -4.64
C GLY C 70 23.43 -16.40 -5.34
N ASP C 71 22.44 -15.66 -4.82
CA ASP C 71 21.11 -15.66 -5.42
C ASP C 71 20.96 -14.69 -6.60
N LYS C 72 22.05 -14.10 -7.07
CA LYS C 72 22.02 -13.17 -8.17
C LYS C 72 22.75 -13.76 -9.37
N LYS C 73 22.34 -13.34 -10.56
CA LYS C 73 22.95 -13.75 -11.82
C LYS C 73 23.27 -12.49 -12.62
N LEU C 74 24.52 -12.35 -13.07
CA LEU C 74 24.91 -11.17 -13.81
C LEU C 74 24.36 -11.23 -15.22
N LEU C 75 23.99 -10.06 -15.72
CA LEU C 75 23.63 -9.86 -17.12
C LEU C 75 24.56 -8.78 -17.65
N VAL C 76 25.33 -9.09 -18.69
CA VAL C 76 26.37 -8.19 -19.16
C VAL C 76 26.24 -8.00 -20.66
N GLN C 77 26.47 -6.78 -21.13
CA GLN C 77 26.50 -6.50 -22.56
C GLN C 77 27.58 -5.47 -22.83
N ARG C 78 27.93 -5.35 -24.11
CA ARG C 78 28.70 -4.23 -24.59
C ARG C 78 27.86 -2.95 -24.51
N ALA C 79 28.51 -1.84 -24.21
CA ALA C 79 27.85 -0.56 -23.98
C ALA C 79 27.85 0.23 -25.29
N SER C 80 26.87 -0.10 -26.13
CA SER C 80 26.81 0.40 -27.51
C SER C 80 26.76 1.93 -27.61
#